data_3ZZN
#
_entry.id   3ZZN
#
_cell.length_a   157.123
_cell.length_b   59.597
_cell.length_c   153.076
_cell.angle_alpha   90.00
_cell.angle_beta   93.37
_cell.angle_gamma   90.00
#
_symmetry.space_group_name_H-M   'C 1 2 1'
#
loop_
_entity.id
_entity.type
_entity.pdbx_description
1 polymer 'LACTATE DEHYDROGENASE'
2 non-polymer "ADENOSINE-5'-DIPHOSPHATE"
3 water water
#
_entity_poly.entity_id   1
_entity_poly.type   'polypeptide(L)'
_entity_poly.pdbx_seq_one_letter_code
;MKVGIVGSGMVGSATAYALALLGVAREVVLVDLDRKLAQAHAEDILHATPFAHPVWVWAGSYGDLEGARAVVLAAGVAQR
PGETRLQLLDRNAQVFAQVVPRVLEAAPEAVLLVATNPVDVMTQVAYALSGLPPGRVVGSGTILDTARFRALLAEYLRVA
PQSVHAYVLGEHGDSEVLVWSSAQVGGVPLLEFAEARGRALSPEDRARIDEGVRRAAYRIIEGKGATYYGIGAGLARLVR
AILTDEKGVYTVSAFTPEVAGVLEVSLSLPRILGAGGVAGTVYPSLSPEERAALRRSAEILKEAAFALGF
;
_entity_poly.pdbx_strand_id   A,B,C,D
#
loop_
_chem_comp.id
_chem_comp.type
_chem_comp.name
_chem_comp.formula
ADP non-polymer ADENOSINE-5'-DIPHOSPHATE 'C10 H15 N5 O10 P2'
#
# COMPACT_ATOMS: atom_id res chain seq x y z
N MET A 1 -5.98 -1.87 -15.50
CA MET A 1 -6.85 -1.74 -16.68
C MET A 1 -8.20 -1.10 -16.32
N LYS A 2 -9.21 -1.32 -17.16
CA LYS A 2 -10.37 -0.41 -17.21
C LYS A 2 -11.66 -1.00 -16.66
N VAL A 3 -12.39 -0.18 -15.89
CA VAL A 3 -13.66 -0.58 -15.29
C VAL A 3 -14.82 0.36 -15.62
N GLY A 4 -15.96 -0.18 -16.06
CA GLY A 4 -17.18 0.60 -16.21
C GLY A 4 -18.12 0.58 -15.03
N ILE A 5 -18.86 1.68 -14.82
CA ILE A 5 -19.93 1.78 -13.83
C ILE A 5 -21.11 2.48 -14.51
N VAL A 6 -22.23 1.78 -14.60
CA VAL A 6 -23.45 2.36 -15.12
C VAL A 6 -24.41 2.55 -13.96
N GLY A 7 -24.90 3.77 -13.81
CA GLY A 7 -25.64 4.20 -12.64
C GLY A 7 -24.69 4.99 -11.75
N SER A 8 -24.82 6.30 -11.78
CA SER A 8 -23.87 7.20 -11.15
C SER A 8 -24.32 7.73 -9.80
N GLY A 9 -25.44 7.22 -9.29
CA GLY A 9 -25.92 7.67 -7.99
C GLY A 9 -25.03 7.26 -6.82
N MET A 10 -25.57 7.26 -5.61
CA MET A 10 -24.75 7.07 -4.43
C MET A 10 -23.88 5.81 -4.49
N VAL A 11 -24.48 4.66 -4.83
CA VAL A 11 -23.72 3.43 -4.93
C VAL A 11 -22.66 3.45 -6.05
N GLY A 12 -23.06 3.84 -7.25
CA GLY A 12 -22.11 3.97 -8.35
C GLY A 12 -20.94 4.88 -8.01
N SER A 13 -21.27 6.07 -7.49
CA SER A 13 -20.23 7.02 -7.21
C SER A 13 -19.32 6.52 -6.09
N ALA A 14 -19.90 5.89 -5.09
CA ALA A 14 -19.07 5.41 -3.99
C ALA A 14 -18.14 4.29 -4.46
N THR A 15 -18.65 3.44 -5.33
CA THR A 15 -17.81 2.43 -5.90
C THR A 15 -16.67 3.08 -6.67
N ALA A 16 -16.97 4.05 -7.53
CA ALA A 16 -15.88 4.72 -8.22
C ALA A 16 -14.84 5.25 -7.24
N TYR A 17 -15.30 5.93 -6.21
CA TYR A 17 -14.42 6.53 -5.23
C TYR A 17 -13.49 5.47 -4.63
N ALA A 18 -14.06 4.34 -4.26
CA ALA A 18 -13.28 3.28 -3.62
C ALA A 18 -12.25 2.71 -4.58
N LEU A 19 -12.67 2.43 -5.81
CA LEU A 19 -11.74 1.98 -6.85
C LEU A 19 -10.57 2.94 -6.91
N ALA A 20 -10.89 4.22 -6.77
CA ALA A 20 -9.89 5.23 -6.99
C ALA A 20 -8.94 5.37 -5.82
N LEU A 21 -9.45 5.32 -4.61
CA LEU A 21 -8.63 5.47 -3.43
C LEU A 21 -7.76 4.22 -3.22
N LEU A 22 -8.27 3.05 -3.60
CA LEU A 22 -7.55 1.80 -3.43
C LEU A 22 -6.62 1.49 -4.56
N GLY A 23 -6.74 2.22 -5.65
CA GLY A 23 -5.81 2.10 -6.74
C GLY A 23 -5.97 0.80 -7.48
N VAL A 24 -7.21 0.31 -7.49
CA VAL A 24 -7.56 -0.93 -8.13
C VAL A 24 -7.36 -0.90 -9.65
N ALA A 25 -8.03 0.03 -10.30
CA ALA A 25 -8.04 0.11 -11.74
C ALA A 25 -7.37 1.38 -12.21
N ARG A 26 -6.72 1.30 -13.36
CA ARG A 26 -6.15 2.46 -14.01
C ARG A 26 -7.24 3.45 -14.44
N GLU A 27 -8.35 2.92 -14.96
CA GLU A 27 -9.40 3.74 -15.54
C GLU A 27 -10.80 3.42 -15.01
N VAL A 28 -11.60 4.45 -14.75
CA VAL A 28 -12.98 4.26 -14.34
C VAL A 28 -13.93 5.15 -15.14
N VAL A 29 -14.87 4.51 -15.86
CA VAL A 29 -15.84 5.23 -16.67
C VAL A 29 -17.24 5.23 -16.06
N LEU A 30 -17.75 6.42 -15.82
CA LEU A 30 -19.07 6.58 -15.28
C LEU A 30 -20.04 6.89 -16.40
N VAL A 31 -21.14 6.14 -16.42
CA VAL A 31 -22.19 6.30 -17.41
C VAL A 31 -23.50 6.47 -16.65
N ASP A 32 -24.19 7.56 -16.92
CA ASP A 32 -25.49 7.77 -16.31
C ASP A 32 -26.47 8.54 -17.20
N LEU A 33 -27.73 8.21 -17.07
CA LEU A 33 -28.78 8.90 -17.78
C LEU A 33 -28.66 10.41 -17.64
N ASP A 34 -28.36 10.86 -16.43
CA ASP A 34 -28.19 12.29 -16.20
C ASP A 34 -26.70 12.50 -16.41
N ARG A 35 -26.47 13.13 -17.56
N ARG A 35 -26.43 13.11 -17.56
CA ARG A 35 -25.13 13.29 -18.08
CA ARG A 35 -25.08 13.26 -18.06
C ARG A 35 -24.27 14.12 -17.14
C ARG A 35 -24.25 14.11 -17.10
N LYS A 36 -24.87 15.16 -16.57
CA LYS A 36 -24.27 16.19 -15.73
C LYS A 36 -23.86 15.65 -14.36
N LEU A 37 -24.64 14.70 -13.89
CA LEU A 37 -24.40 14.06 -12.60
C LEU A 37 -23.15 13.19 -12.68
N ALA A 38 -23.07 12.37 -13.72
CA ALA A 38 -21.89 11.53 -13.91
C ALA A 38 -20.68 12.41 -14.04
N GLN A 39 -20.77 13.48 -14.83
CA GLN A 39 -19.61 14.37 -14.99
C GLN A 39 -19.18 15.00 -13.68
N ALA A 40 -20.15 15.45 -12.88
CA ALA A 40 -19.84 16.03 -11.57
C ALA A 40 -19.15 15.06 -10.62
N HIS A 41 -19.71 13.86 -10.48
CA HIS A 41 -19.08 12.82 -9.69
C HIS A 41 -17.64 12.52 -10.19
N ALA A 42 -17.50 12.37 -11.50
CA ALA A 42 -16.19 12.11 -12.09
C ALA A 42 -15.21 13.20 -11.68
N GLU A 43 -15.62 14.46 -11.75
CA GLU A 43 -14.64 15.52 -11.50
C GLU A 43 -14.30 15.65 -10.03
N ASP A 44 -15.31 15.42 -9.19
CA ASP A 44 -15.10 15.43 -7.77
C ASP A 44 -14.05 14.35 -7.44
N ILE A 45 -14.25 13.14 -7.95
CA ILE A 45 -13.31 12.08 -7.67
C ILE A 45 -11.89 12.38 -8.22
N LEU A 46 -11.87 12.91 -9.44
CA LEU A 46 -10.64 13.32 -10.07
C LEU A 46 -9.86 14.26 -9.15
N HIS A 47 -10.56 15.22 -8.52
CA HIS A 47 -9.95 16.04 -7.48
C HIS A 47 -9.26 15.25 -6.37
N ALA A 48 -9.81 14.10 -6.04
CA ALA A 48 -9.24 13.33 -4.96
C ALA A 48 -8.02 12.57 -5.44
N THR A 49 -7.97 12.24 -6.72
CA THR A 49 -6.87 11.34 -7.11
C THR A 49 -5.46 11.73 -6.69
N PRO A 50 -5.13 13.03 -6.76
CA PRO A 50 -3.75 13.38 -6.45
C PRO A 50 -3.35 13.03 -5.01
N PHE A 51 -4.33 12.77 -4.17
CA PHE A 51 -4.07 12.39 -2.79
C PHE A 51 -4.11 10.91 -2.56
N ALA A 52 -4.38 10.16 -3.63
CA ALA A 52 -4.12 8.74 -3.55
C ALA A 52 -3.33 8.10 -4.73
N HIS A 53 -3.97 7.94 -5.86
CA HIS A 53 -3.42 7.14 -6.97
C HIS A 53 -3.78 7.73 -8.33
N PRO A 54 -2.91 7.49 -9.29
CA PRO A 54 -3.11 7.95 -10.64
C PRO A 54 -4.20 7.25 -11.43
N VAL A 55 -5.44 7.47 -11.02
CA VAL A 55 -6.55 6.80 -11.66
C VAL A 55 -7.31 7.78 -12.55
N TRP A 56 -7.58 7.39 -13.79
CA TRP A 56 -8.24 8.29 -14.69
C TRP A 56 -9.73 8.01 -14.52
N VAL A 57 -10.43 8.99 -13.95
CA VAL A 57 -11.86 8.84 -13.73
C VAL A 57 -12.65 9.82 -14.58
N TRP A 58 -13.54 9.32 -15.43
CA TRP A 58 -14.28 10.21 -16.32
C TRP A 58 -15.69 9.73 -16.68
N ALA A 59 -16.54 10.64 -17.13
CA ALA A 59 -17.91 10.31 -17.46
C ALA A 59 -18.06 10.26 -18.98
N GLY A 60 -18.81 9.28 -19.44
CA GLY A 60 -18.98 9.10 -20.87
C GLY A 60 -20.22 8.30 -21.16
N SER A 61 -20.35 7.82 -22.38
CA SER A 61 -21.52 7.05 -22.74
C SER A 61 -21.16 5.58 -22.85
N TYR A 62 -22.17 4.78 -23.14
CA TYR A 62 -22.00 3.34 -23.21
C TYR A 62 -20.84 2.95 -24.09
N GLY A 63 -20.68 3.66 -25.19
CA GLY A 63 -19.64 3.32 -26.14
C GLY A 63 -18.27 3.38 -25.51
N ASP A 64 -18.15 4.23 -24.50
CA ASP A 64 -16.89 4.48 -23.80
C ASP A 64 -16.53 3.35 -22.88
N LEU A 65 -17.43 2.40 -22.75
CA LEU A 65 -17.19 1.21 -21.94
C LEU A 65 -16.33 0.19 -22.65
N GLU A 66 -16.02 0.42 -23.92
CA GLU A 66 -15.25 -0.57 -24.67
C GLU A 66 -13.99 -0.98 -23.92
N GLY A 67 -13.77 -2.29 -23.82
CA GLY A 67 -12.56 -2.83 -23.23
C GLY A 67 -12.49 -2.91 -21.71
N ALA A 68 -13.56 -2.46 -21.06
CA ALA A 68 -13.61 -2.59 -19.62
C ALA A 68 -13.67 -4.07 -19.27
N ARG A 69 -12.82 -4.48 -18.33
CA ARG A 69 -12.81 -5.86 -17.86
C ARG A 69 -14.12 -6.20 -17.16
N ALA A 70 -14.62 -5.25 -16.39
CA ALA A 70 -15.89 -5.41 -15.71
C ALA A 70 -16.69 -4.13 -15.77
N VAL A 71 -18.01 -4.27 -15.75
CA VAL A 71 -18.91 -3.13 -15.65
C VAL A 71 -19.86 -3.39 -14.49
N VAL A 72 -19.93 -2.47 -13.55
CA VAL A 72 -20.83 -2.58 -12.41
C VAL A 72 -22.16 -2.00 -12.81
N LEU A 73 -23.27 -2.73 -12.63
CA LEU A 73 -24.54 -2.11 -12.93
C LEU A 73 -25.11 -1.67 -11.58
N ALA A 74 -25.01 -0.36 -11.34
CA ALA A 74 -25.60 0.40 -10.22
C ALA A 74 -26.86 1.20 -10.45
N ALA A 75 -27.39 1.13 -11.66
CA ALA A 75 -28.53 1.95 -12.07
C ALA A 75 -29.81 1.58 -11.36
N GLY A 76 -30.77 2.50 -11.37
CA GLY A 76 -32.09 2.25 -10.87
C GLY A 76 -32.85 3.53 -10.63
N VAL A 77 -34.14 3.37 -10.51
CA VAL A 77 -35.09 4.47 -10.41
C VAL A 77 -35.25 5.10 -9.06
N ALA A 78 -35.74 6.33 -9.04
CA ALA A 78 -36.12 6.97 -7.80
C ALA A 78 -37.21 6.15 -7.12
N GLN A 79 -37.01 5.87 -5.84
CA GLN A 79 -38.07 5.26 -5.06
C GLN A 79 -39.28 6.21 -5.12
N ARG A 80 -40.47 5.64 -5.08
CA ARG A 80 -41.72 6.39 -5.23
C ARG A 80 -42.67 6.06 -4.08
N PRO A 81 -43.27 7.10 -3.51
CA PRO A 81 -44.14 6.92 -2.36
C PRO A 81 -45.39 6.10 -2.68
N GLY A 82 -45.78 5.25 -1.74
CA GLY A 82 -46.94 4.38 -1.93
C GLY A 82 -46.81 3.45 -3.11
N GLU A 83 -45.61 2.93 -3.32
CA GLU A 83 -45.39 1.97 -4.40
C GLU A 83 -44.81 0.67 -3.85
N THR A 84 -45.42 -0.45 -4.23
CA THR A 84 -45.01 -1.76 -3.72
C THR A 84 -43.63 -2.19 -4.20
N ARG A 85 -42.90 -2.89 -3.34
CA ARG A 85 -41.58 -3.39 -3.71
C ARG A 85 -41.67 -3.95 -5.14
N LEU A 86 -42.85 -4.44 -5.48
CA LEU A 86 -43.08 -4.98 -6.80
C LEU A 86 -43.04 -4.00 -7.95
N GLN A 87 -43.70 -2.87 -7.79
CA GLN A 87 -43.70 -1.89 -8.85
C GLN A 87 -42.29 -1.36 -9.07
N LEU A 88 -41.58 -1.11 -7.98
CA LEU A 88 -40.20 -0.68 -8.05
C LEU A 88 -39.40 -1.69 -8.82
N LEU A 89 -39.50 -2.92 -8.37
CA LEU A 89 -38.83 -4.02 -9.02
C LEU A 89 -39.11 -4.00 -10.53
N ASP A 90 -40.35 -3.78 -10.90
CA ASP A 90 -40.72 -3.72 -12.30
C ASP A 90 -39.95 -2.62 -13.03
N ARG A 91 -39.99 -1.41 -12.49
CA ARG A 91 -39.39 -0.26 -13.15
C ARG A 91 -37.89 -0.47 -13.31
N ASN A 92 -37.26 -1.05 -12.30
CA ASN A 92 -35.85 -1.41 -12.39
C ASN A 92 -35.56 -2.49 -13.42
N ALA A 93 -36.39 -3.51 -13.47
CA ALA A 93 -36.27 -4.55 -14.49
C ALA A 93 -36.24 -3.90 -15.87
N GLN A 94 -37.10 -2.91 -16.06
CA GLN A 94 -37.13 -2.15 -17.29
C GLN A 94 -35.84 -1.35 -17.52
N VAL A 95 -35.31 -0.74 -16.47
CA VAL A 95 -34.04 -0.04 -16.55
C VAL A 95 -32.97 -1.00 -17.08
N PHE A 96 -32.91 -2.19 -16.49
CA PHE A 96 -31.92 -3.20 -16.85
C PHE A 96 -32.11 -3.69 -18.28
N ALA A 97 -33.36 -3.80 -18.70
CA ALA A 97 -33.63 -4.15 -20.07
C ALA A 97 -33.08 -3.11 -21.04
N GLN A 98 -33.01 -1.86 -20.60
CA GLN A 98 -32.27 -0.88 -21.41
C GLN A 98 -30.78 -1.09 -21.33
N VAL A 99 -30.29 -1.20 -20.11
CA VAL A 99 -28.86 -1.06 -19.83
C VAL A 99 -28.05 -2.24 -20.34
N VAL A 100 -28.48 -3.45 -20.01
CA VAL A 100 -27.69 -4.63 -20.28
C VAL A 100 -27.23 -4.75 -21.76
N PRO A 101 -28.18 -4.74 -22.71
CA PRO A 101 -27.74 -4.86 -24.10
C PRO A 101 -26.74 -3.79 -24.54
N ARG A 102 -26.99 -2.56 -24.12
CA ARG A 102 -26.11 -1.45 -24.45
C ARG A 102 -24.71 -1.61 -23.86
N VAL A 103 -24.63 -2.07 -22.62
CA VAL A 103 -23.33 -2.34 -22.02
C VAL A 103 -22.60 -3.45 -22.77
N LEU A 104 -23.34 -4.50 -23.09
CA LEU A 104 -22.81 -5.65 -23.81
C LEU A 104 -22.40 -5.31 -25.23
N GLU A 105 -23.19 -4.46 -25.88
CA GLU A 105 -22.88 -3.99 -27.22
C GLU A 105 -21.47 -3.39 -27.28
N ALA A 106 -21.15 -2.54 -26.32
CA ALA A 106 -19.85 -1.86 -26.29
C ALA A 106 -18.71 -2.73 -25.77
N ALA A 107 -19.03 -3.55 -24.77
CA ALA A 107 -18.01 -4.29 -24.07
C ALA A 107 -18.49 -5.72 -23.96
N PRO A 108 -18.50 -6.42 -25.10
CA PRO A 108 -19.07 -7.77 -25.11
C PRO A 108 -18.26 -8.73 -24.25
N GLU A 109 -17.02 -8.40 -23.96
CA GLU A 109 -16.20 -9.31 -23.16
C GLU A 109 -16.32 -9.15 -21.63
N ALA A 110 -17.02 -8.12 -21.18
CA ALA A 110 -17.02 -7.76 -19.78
C ALA A 110 -17.73 -8.72 -18.88
N VAL A 111 -17.43 -8.63 -17.59
CA VAL A 111 -18.18 -9.29 -16.55
C VAL A 111 -19.14 -8.26 -15.99
N LEU A 112 -20.38 -8.63 -15.79
CA LEU A 112 -21.32 -7.70 -15.18
C LEU A 112 -21.38 -7.93 -13.66
N LEU A 113 -21.12 -6.86 -12.92
CA LEU A 113 -21.26 -6.88 -11.47
C LEU A 113 -22.50 -6.09 -11.15
N VAL A 114 -23.48 -6.79 -10.62
CA VAL A 114 -24.78 -6.23 -10.31
C VAL A 114 -24.81 -5.77 -8.85
N ALA A 115 -25.20 -4.50 -8.70
CA ALA A 115 -25.30 -3.74 -7.46
C ALA A 115 -26.73 -3.64 -7.04
N THR A 116 -27.56 -3.11 -7.95
CA THR A 116 -28.90 -2.63 -7.70
C THR A 116 -29.79 -3.60 -6.91
N ASN A 117 -30.46 -3.08 -5.87
CA ASN A 117 -31.39 -3.88 -5.06
C ASN A 117 -32.79 -4.07 -5.62
N PRO A 118 -33.42 -5.19 -5.27
CA PRO A 118 -32.84 -6.32 -4.54
C PRO A 118 -31.86 -7.10 -5.40
N VAL A 119 -30.69 -7.41 -4.86
CA VAL A 119 -29.57 -7.77 -5.73
C VAL A 119 -29.69 -9.16 -6.38
N ASP A 120 -30.26 -10.13 -5.68
CA ASP A 120 -30.37 -11.48 -6.26
C ASP A 120 -31.27 -11.51 -7.49
N VAL A 121 -32.46 -10.95 -7.34
CA VAL A 121 -33.38 -10.84 -8.44
C VAL A 121 -32.78 -10.03 -9.60
N MET A 122 -32.17 -8.87 -9.32
CA MET A 122 -31.62 -8.07 -10.41
C MET A 122 -30.54 -8.86 -11.13
N THR A 123 -29.80 -9.62 -10.36
CA THR A 123 -28.82 -10.52 -10.92
C THR A 123 -29.46 -11.53 -11.86
N GLN A 124 -30.64 -12.05 -11.47
CA GLN A 124 -31.39 -12.95 -12.33
C GLN A 124 -31.78 -12.28 -13.63
N VAL A 125 -32.39 -11.11 -13.53
CA VAL A 125 -32.79 -10.33 -14.69
C VAL A 125 -31.64 -10.06 -15.67
N ALA A 126 -30.48 -9.69 -15.13
CA ALA A 126 -29.31 -9.44 -15.95
C ALA A 126 -28.78 -10.73 -16.59
N TYR A 127 -28.71 -11.82 -15.83
CA TYR A 127 -28.35 -13.09 -16.42
C TYR A 127 -29.25 -13.46 -17.59
N ALA A 128 -30.55 -13.43 -17.35
CA ALA A 128 -31.56 -13.66 -18.38
C ALA A 128 -31.37 -12.80 -19.63
N LEU A 129 -31.28 -11.48 -19.44
CA LEU A 129 -31.15 -10.53 -20.55
C LEU A 129 -29.80 -10.60 -21.30
N SER A 130 -28.77 -11.08 -20.63
CA SER A 130 -27.43 -11.04 -21.19
C SER A 130 -27.21 -12.15 -22.20
N GLY A 131 -27.81 -13.30 -21.96
CA GLY A 131 -27.61 -14.46 -22.80
C GLY A 131 -26.15 -14.88 -22.74
N LEU A 132 -25.45 -14.41 -21.71
CA LEU A 132 -24.10 -14.85 -21.42
C LEU A 132 -24.13 -16.13 -20.61
N PRO A 133 -22.98 -16.82 -20.54
CA PRO A 133 -22.87 -17.91 -19.58
C PRO A 133 -23.13 -17.36 -18.18
N PRO A 134 -23.71 -18.15 -17.29
CA PRO A 134 -24.09 -17.74 -15.92
C PRO A 134 -22.98 -17.06 -15.12
N GLY A 135 -21.74 -17.53 -15.28
CA GLY A 135 -20.63 -17.04 -14.49
C GLY A 135 -20.12 -15.67 -14.86
N ARG A 136 -20.67 -15.11 -15.95
CA ARG A 136 -20.29 -13.80 -16.43
C ARG A 136 -21.12 -12.71 -15.77
N VAL A 137 -22.15 -13.14 -15.04
CA VAL A 137 -23.04 -12.21 -14.37
C VAL A 137 -23.01 -12.51 -12.88
N VAL A 138 -22.43 -11.61 -12.11
CA VAL A 138 -22.23 -11.82 -10.69
C VAL A 138 -22.94 -10.69 -9.92
N GLY A 139 -23.77 -11.03 -8.95
CA GLY A 139 -24.29 -10.01 -8.05
C GLY A 139 -23.43 -9.85 -6.81
N SER A 140 -23.42 -8.66 -6.23
CA SER A 140 -22.59 -8.38 -5.08
C SER A 140 -22.99 -9.29 -3.91
N GLY A 141 -24.28 -9.57 -3.80
CA GLY A 141 -24.72 -10.62 -2.92
C GLY A 141 -24.54 -10.34 -1.45
N THR A 142 -24.09 -11.34 -0.71
CA THR A 142 -24.02 -11.30 0.74
C THR A 142 -22.66 -10.87 1.31
N ILE A 143 -21.73 -10.46 0.44
CA ILE A 143 -20.34 -10.27 0.87
C ILE A 143 -20.16 -9.39 2.09
N LEU A 144 -20.89 -8.29 2.16
CA LEU A 144 -20.79 -7.41 3.32
C LEU A 144 -21.23 -8.16 4.56
N ASP A 145 -22.27 -8.95 4.42
CA ASP A 145 -22.85 -9.62 5.57
C ASP A 145 -21.92 -10.73 6.02
N THR A 146 -21.36 -11.47 5.06
CA THR A 146 -20.36 -12.48 5.39
C THR A 146 -19.17 -11.85 6.11
N ALA A 147 -18.70 -10.72 5.61
CA ALA A 147 -17.55 -10.05 6.22
C ALA A 147 -17.83 -9.59 7.63
N ARG A 148 -19.03 -9.04 7.84
N ARG A 148 -19.00 -9.01 7.89
CA ARG A 148 -19.46 -8.62 9.17
CA ARG A 148 -19.38 -8.62 9.25
C ARG A 148 -19.56 -9.79 10.13
C ARG A 148 -19.48 -9.84 10.15
N PHE A 149 -20.07 -10.91 9.64
CA PHE A 149 -20.18 -12.12 10.43
C PHE A 149 -18.77 -12.49 10.89
N ARG A 150 -17.87 -12.57 9.93
CA ARG A 150 -16.52 -12.98 10.27
C ARG A 150 -16.00 -11.98 11.28
N ALA A 151 -16.37 -10.71 11.14
CA ALA A 151 -15.83 -9.69 12.05
C ALA A 151 -16.31 -9.82 13.49
N LEU A 152 -17.61 -10.05 13.67
CA LEU A 152 -18.18 -10.16 14.99
C LEU A 152 -17.64 -11.42 15.64
N LEU A 153 -17.49 -12.48 14.87
CA LEU A 153 -16.92 -13.70 15.42
C LEU A 153 -15.50 -13.46 15.88
N ALA A 154 -14.71 -12.87 14.98
CA ALA A 154 -13.32 -12.54 15.22
C ALA A 154 -13.22 -11.80 16.54
N GLU A 155 -14.11 -10.82 16.71
CA GLU A 155 -14.11 -9.96 17.88
C GLU A 155 -14.48 -10.72 19.15
N TYR A 156 -15.44 -11.64 19.02
CA TYR A 156 -15.82 -12.47 20.15
C TYR A 156 -14.65 -13.32 20.62
N LEU A 157 -13.97 -13.96 19.68
CA LEU A 157 -12.90 -14.91 20.00
C LEU A 157 -11.53 -14.27 20.20
N ARG A 158 -11.44 -12.96 20.04
CA ARG A 158 -10.16 -12.27 20.18
C ARG A 158 -9.13 -12.78 19.18
N VAL A 159 -9.56 -13.00 17.95
CA VAL A 159 -8.68 -13.51 16.90
C VAL A 159 -8.78 -12.63 15.67
N ALA A 160 -7.72 -12.62 14.85
CA ALA A 160 -7.78 -11.88 13.59
C ALA A 160 -8.91 -12.39 12.65
N PRO A 161 -9.71 -11.46 12.12
CA PRO A 161 -10.80 -11.85 11.23
C PRO A 161 -10.30 -12.76 10.10
N GLN A 162 -9.01 -12.68 9.79
CA GLN A 162 -8.49 -13.36 8.62
C GLN A 162 -8.44 -14.83 8.92
N SER A 163 -8.41 -15.14 10.21
CA SER A 163 -8.35 -16.53 10.62
C SER A 163 -9.74 -17.14 10.82
N VAL A 164 -10.78 -16.32 10.62
CA VAL A 164 -12.17 -16.79 10.72
C VAL A 164 -12.80 -17.09 9.35
N HIS A 165 -13.23 -18.33 9.20
N HIS A 165 -13.30 -18.21 9.10
CA HIS A 165 -13.89 -18.72 7.98
CA HIS A 165 -13.90 -18.62 7.83
C HIS A 165 -15.34 -19.05 8.26
C HIS A 165 -15.40 -18.90 8.04
N ALA A 166 -16.24 -18.16 7.85
CA ALA A 166 -17.65 -18.34 8.10
C ALA A 166 -18.42 -17.72 6.95
N TYR A 167 -19.62 -18.20 6.68
CA TYR A 167 -20.39 -17.75 5.54
C TYR A 167 -21.81 -17.24 5.84
N VAL A 168 -22.27 -16.34 5.01
CA VAL A 168 -23.68 -15.97 4.96
C VAL A 168 -24.13 -16.27 3.55
N LEU A 169 -25.21 -17.04 3.42
CA LEU A 169 -25.67 -17.51 2.11
C LEU A 169 -27.11 -17.19 1.81
N GLY A 170 -27.51 -17.32 0.56
CA GLY A 170 -28.89 -17.06 0.22
C GLY A 170 -29.26 -15.66 -0.26
N GLU A 171 -30.51 -15.26 0.00
CA GLU A 171 -30.98 -13.93 -0.36
C GLU A 171 -30.25 -12.90 0.48
N HIS A 172 -29.81 -11.81 -0.14
CA HIS A 172 -29.19 -10.73 0.61
C HIS A 172 -30.35 -9.91 1.13
N GLY A 173 -30.51 -9.92 2.44
CA GLY A 173 -31.79 -9.57 3.02
C GLY A 173 -32.13 -10.36 4.28
N ASP A 174 -33.39 -10.30 4.68
CA ASP A 174 -33.81 -10.84 5.96
C ASP A 174 -33.70 -12.35 6.05
N SER A 175 -33.82 -13.03 4.92
CA SER A 175 -33.84 -14.49 4.94
C SER A 175 -32.46 -15.14 4.83
N GLU A 176 -31.42 -14.32 4.79
CA GLU A 176 -30.07 -14.83 4.65
C GLU A 176 -29.67 -15.78 5.77
N VAL A 177 -28.86 -16.76 5.42
CA VAL A 177 -28.53 -17.83 6.33
C VAL A 177 -27.11 -17.65 6.80
N LEU A 178 -26.93 -17.63 8.11
CA LEU A 178 -25.60 -17.61 8.68
C LEU A 178 -25.27 -19.07 8.90
N VAL A 179 -24.19 -19.57 8.32
CA VAL A 179 -23.91 -20.95 8.60
C VAL A 179 -22.97 -21.01 9.79
N TRP A 180 -23.52 -21.39 10.94
CA TRP A 180 -22.75 -21.56 12.16
C TRP A 180 -22.12 -22.93 12.15
N SER A 181 -22.82 -23.85 11.47
CA SER A 181 -22.51 -25.27 11.41
C SER A 181 -21.05 -25.53 11.11
N SER A 182 -20.65 -25.21 9.87
CA SER A 182 -19.33 -25.57 9.38
C SER A 182 -18.31 -24.45 9.59
N ALA A 183 -18.75 -23.39 10.24
CA ALA A 183 -17.86 -22.27 10.49
C ALA A 183 -16.62 -22.72 11.24
N GLN A 184 -15.47 -22.24 10.80
CA GLN A 184 -14.25 -22.48 11.54
C GLN A 184 -13.27 -21.30 11.70
N VAL A 185 -12.37 -21.49 12.66
CA VAL A 185 -11.31 -20.56 12.97
C VAL A 185 -9.97 -21.29 12.93
N GLY A 186 -9.02 -20.76 12.17
CA GLY A 186 -7.74 -21.42 12.01
C GLY A 186 -7.88 -22.85 11.49
N GLY A 187 -8.94 -23.10 10.73
CA GLY A 187 -9.15 -24.40 10.13
C GLY A 187 -9.70 -25.44 11.09
N VAL A 188 -10.14 -25.01 12.26
CA VAL A 188 -10.78 -25.91 13.18
C VAL A 188 -12.17 -25.37 13.55
N PRO A 189 -13.13 -26.27 13.71
CA PRO A 189 -14.51 -25.95 14.04
C PRO A 189 -14.64 -24.84 15.06
N LEU A 190 -15.49 -23.88 14.74
CA LEU A 190 -15.70 -22.69 15.54
C LEU A 190 -16.02 -23.00 16.99
N LEU A 191 -17.11 -23.72 17.20
CA LEU A 191 -17.67 -23.87 18.54
C LEU A 191 -16.76 -24.71 19.44
N GLU A 192 -16.11 -25.71 18.83
CA GLU A 192 -15.01 -26.42 19.48
C GLU A 192 -13.95 -25.43 19.95
N PHE A 193 -13.36 -24.76 18.98
CA PHE A 193 -12.34 -23.77 19.28
C PHE A 193 -12.87 -22.66 20.19
N ALA A 194 -14.17 -22.60 20.37
CA ALA A 194 -14.75 -21.72 21.39
C ALA A 194 -14.36 -22.18 22.81
N GLU A 195 -14.63 -23.44 23.16
CA GLU A 195 -14.14 -24.01 24.43
C GLU A 195 -12.66 -23.91 24.59
N ALA A 196 -12.00 -23.83 23.44
CA ALA A 196 -10.57 -24.04 23.26
C ALA A 196 -9.87 -22.71 23.46
N ARG A 197 -10.62 -21.75 23.98
CA ARG A 197 -10.15 -20.38 24.06
C ARG A 197 -10.64 -19.72 25.34
N GLY A 198 -11.80 -20.15 25.83
CA GLY A 198 -12.42 -19.55 26.99
C GLY A 198 -13.71 -18.82 26.64
N ARG A 199 -14.48 -19.38 25.72
CA ARG A 199 -15.57 -18.65 25.11
C ARG A 199 -16.69 -19.37 24.35
N ALA A 200 -17.55 -20.04 25.10
CA ALA A 200 -18.47 -21.09 24.66
C ALA A 200 -19.73 -20.69 23.85
N LEU A 201 -19.83 -19.48 23.32
CA LEU A 201 -20.95 -19.08 22.47
C LEU A 201 -22.33 -19.48 22.93
N SER A 202 -22.84 -18.80 23.95
CA SER A 202 -24.24 -18.96 24.34
C SER A 202 -25.21 -18.62 23.19
N PRO A 203 -26.41 -19.20 23.23
CA PRO A 203 -27.41 -18.91 22.20
C PRO A 203 -27.73 -17.43 22.22
N GLU A 204 -27.58 -16.83 23.40
N GLU A 204 -27.58 -16.84 23.40
CA GLU A 204 -27.76 -15.40 23.56
CA GLU A 204 -27.76 -15.41 23.57
C GLU A 204 -26.71 -14.66 22.76
C GLU A 204 -26.72 -14.70 22.71
N ASP A 205 -25.48 -15.15 22.81
CA ASP A 205 -24.38 -14.61 22.02
C ASP A 205 -24.66 -14.78 20.52
N ARG A 206 -25.05 -16.01 20.17
N ARG A 206 -25.04 -16.00 20.14
CA ARG A 206 -25.41 -16.37 18.80
CA ARG A 206 -25.33 -16.26 18.74
C ARG A 206 -26.38 -15.31 18.29
C ARG A 206 -26.41 -15.29 18.25
N ALA A 207 -27.41 -15.05 19.09
CA ALA A 207 -28.48 -14.10 18.81
C ALA A 207 -27.95 -12.68 18.68
N ARG A 208 -27.02 -12.32 19.55
CA ARG A 208 -26.45 -10.97 19.50
C ARG A 208 -25.69 -10.75 18.19
N ILE A 209 -24.92 -11.75 17.79
CA ILE A 209 -24.18 -11.70 16.54
C ILE A 209 -25.12 -11.69 15.35
N ASP A 210 -26.18 -12.47 15.43
CA ASP A 210 -27.18 -12.52 14.37
C ASP A 210 -27.82 -11.15 14.13
N GLU A 211 -28.25 -10.48 15.20
CA GLU A 211 -28.78 -9.13 15.10
C GLU A 211 -27.75 -8.27 14.42
N GLY A 212 -26.51 -8.41 14.84
CA GLY A 212 -25.43 -7.59 14.33
C GLY A 212 -25.31 -7.69 12.84
N VAL A 213 -25.26 -8.91 12.32
CA VAL A 213 -25.21 -9.14 10.88
C VAL A 213 -26.49 -8.84 10.11
N ARG A 214 -27.61 -9.32 10.64
CA ARG A 214 -28.90 -9.25 9.96
C ARG A 214 -29.48 -7.85 9.81
N ARG A 215 -29.36 -7.04 10.85
CA ARG A 215 -30.02 -5.76 10.91
C ARG A 215 -29.15 -4.56 10.57
N ALA A 216 -27.93 -4.81 10.11
CA ALA A 216 -27.00 -3.73 9.84
C ALA A 216 -27.47 -2.80 8.72
N ALA A 217 -28.00 -3.36 7.64
CA ALA A 217 -28.52 -2.56 6.55
C ALA A 217 -29.74 -1.73 6.97
N TYR A 218 -30.65 -2.35 7.72
CA TYR A 218 -31.82 -1.66 8.27
C TYR A 218 -31.42 -0.44 9.10
N ARG A 219 -30.50 -0.61 10.04
CA ARG A 219 -30.06 0.51 10.84
C ARG A 219 -29.44 1.60 9.98
N ILE A 220 -28.62 1.18 9.01
CA ILE A 220 -27.94 2.17 8.20
C ILE A 220 -28.99 3.00 7.47
N ILE A 221 -29.99 2.31 6.95
CA ILE A 221 -31.00 3.00 6.17
C ILE A 221 -31.90 3.88 7.02
N GLU A 222 -32.09 3.50 8.29
CA GLU A 222 -32.90 4.30 9.21
C GLU A 222 -32.17 5.59 9.61
N GLY A 223 -30.90 5.49 9.92
CA GLY A 223 -30.13 6.69 10.18
C GLY A 223 -29.80 7.60 9.00
N LYS A 224 -29.16 7.06 7.97
CA LYS A 224 -28.89 7.87 6.78
C LYS A 224 -29.77 7.74 5.56
N GLY A 225 -30.74 6.84 5.58
CA GLY A 225 -31.60 6.62 4.40
C GLY A 225 -31.13 5.80 3.20
N ALA A 226 -29.85 5.47 3.14
CA ALA A 226 -29.36 4.60 2.09
C ALA A 226 -28.03 4.00 2.48
N THR A 227 -27.63 2.90 1.85
CA THR A 227 -26.29 2.38 2.06
C THR A 227 -25.54 2.58 0.77
N TYR A 228 -24.34 3.10 0.87
CA TYR A 228 -23.40 3.16 -0.24
C TYR A 228 -21.99 2.64 0.12
N TYR A 229 -21.36 3.25 1.12
CA TYR A 229 -19.94 3.02 1.43
C TYR A 229 -19.47 1.56 1.53
N GLY A 230 -20.19 0.77 2.33
CA GLY A 230 -19.83 -0.63 2.45
C GLY A 230 -19.79 -1.32 1.10
N ILE A 231 -20.91 -1.25 0.38
CA ILE A 231 -20.97 -1.93 -0.88
C ILE A 231 -20.01 -1.34 -1.88
N GLY A 232 -19.73 -0.04 -1.79
CA GLY A 232 -18.81 0.55 -2.72
C GLY A 232 -17.49 -0.19 -2.55
N ALA A 233 -17.06 -0.37 -1.31
CA ALA A 233 -15.77 -1.02 -1.12
C ALA A 233 -15.78 -2.53 -1.44
N GLY A 234 -16.92 -3.18 -1.18
CA GLY A 234 -17.06 -4.58 -1.56
C GLY A 234 -16.97 -4.78 -3.07
N LEU A 235 -17.79 -4.03 -3.80
CA LEU A 235 -17.72 -3.99 -5.24
C LEU A 235 -16.28 -3.75 -5.66
N ALA A 236 -15.59 -2.82 -4.99
CA ALA A 236 -14.20 -2.57 -5.35
C ALA A 236 -13.37 -3.83 -5.24
N ARG A 237 -13.55 -4.57 -4.15
N ARG A 237 -13.51 -4.66 -4.21
CA ARG A 237 -12.75 -5.77 -3.91
CA ARG A 237 -12.63 -5.81 -4.02
C ARG A 237 -13.03 -6.85 -4.96
C ARG A 237 -13.04 -6.95 -4.94
N LEU A 238 -14.29 -6.94 -5.39
CA LEU A 238 -14.69 -7.91 -6.41
C LEU A 238 -14.11 -7.55 -7.75
N VAL A 239 -14.16 -6.27 -8.08
CA VAL A 239 -13.57 -5.74 -9.28
C VAL A 239 -12.08 -6.08 -9.27
N ARG A 240 -11.43 -5.96 -8.11
CA ARG A 240 -10.03 -6.32 -8.03
C ARG A 240 -9.78 -7.80 -8.24
N ALA A 241 -10.64 -8.63 -7.65
CA ALA A 241 -10.62 -10.06 -7.91
C ALA A 241 -10.69 -10.35 -9.42
N ILE A 242 -11.66 -9.74 -10.09
CA ILE A 242 -11.83 -9.93 -11.52
C ILE A 242 -10.61 -9.52 -12.32
N LEU A 243 -10.11 -8.30 -12.10
CA LEU A 243 -8.98 -7.76 -12.86
C LEU A 243 -7.62 -8.44 -12.64
N THR A 244 -7.39 -8.98 -11.44
CA THR A 244 -6.15 -9.70 -11.12
C THR A 244 -6.26 -11.20 -11.33
N ASP A 245 -7.40 -11.64 -11.85
CA ASP A 245 -7.65 -13.06 -11.97
C ASP A 245 -7.27 -13.77 -10.67
N GLU A 246 -7.79 -13.27 -9.57
CA GLU A 246 -7.44 -13.73 -8.24
C GLU A 246 -7.92 -15.16 -7.93
N LYS A 247 -9.03 -15.59 -8.55
CA LYS A 247 -9.60 -16.89 -8.23
C LYS A 247 -9.79 -17.05 -6.73
N GLY A 248 -10.31 -16.01 -6.10
CA GLY A 248 -10.50 -16.05 -4.66
C GLY A 248 -11.93 -16.38 -4.30
N VAL A 249 -12.19 -16.69 -3.04
CA VAL A 249 -13.56 -17.10 -2.68
C VAL A 249 -14.42 -15.99 -2.04
N TYR A 250 -15.54 -15.67 -2.68
CA TYR A 250 -16.46 -14.67 -2.16
C TYR A 250 -17.88 -15.18 -2.20
N THR A 251 -18.74 -14.74 -1.28
CA THR A 251 -20.07 -15.27 -1.36
C THR A 251 -20.81 -14.29 -2.20
N VAL A 252 -21.10 -14.69 -3.42
CA VAL A 252 -21.75 -13.76 -4.34
C VAL A 252 -22.96 -14.39 -5.00
N SER A 253 -23.77 -13.53 -5.57
CA SER A 253 -25.01 -13.96 -6.16
C SER A 253 -24.79 -14.29 -7.61
N ALA A 254 -25.17 -15.50 -7.99
CA ALA A 254 -25.14 -15.88 -9.39
C ALA A 254 -26.26 -16.85 -9.67
N PHE A 255 -26.54 -17.05 -10.96
CA PHE A 255 -27.55 -18.01 -11.37
C PHE A 255 -27.02 -19.39 -11.06
N THR A 256 -27.79 -20.12 -10.27
CA THR A 256 -27.42 -21.46 -9.86
C THR A 256 -28.43 -22.53 -10.33
N PRO A 257 -27.97 -23.50 -11.13
CA PRO A 257 -28.87 -24.50 -11.69
C PRO A 257 -29.70 -25.16 -10.62
N GLU A 258 -29.08 -25.61 -9.55
CA GLU A 258 -29.88 -26.12 -8.43
C GLU A 258 -29.22 -25.85 -7.10
N VAL A 259 -30.00 -25.41 -6.12
CA VAL A 259 -29.49 -25.23 -4.76
C VAL A 259 -30.51 -25.70 -3.74
N ALA A 260 -30.10 -26.62 -2.87
CA ALA A 260 -30.96 -27.08 -1.79
C ALA A 260 -32.36 -27.50 -2.28
N GLY A 261 -32.40 -28.15 -3.44
CA GLY A 261 -33.66 -28.59 -4.00
C GLY A 261 -34.36 -27.65 -4.95
N VAL A 262 -34.07 -26.36 -4.87
CA VAL A 262 -34.69 -25.38 -5.74
C VAL A 262 -33.94 -25.25 -7.07
N LEU A 263 -34.70 -25.13 -8.16
CA LEU A 263 -34.12 -25.10 -9.50
C LEU A 263 -34.01 -23.69 -10.14
N GLU A 264 -32.92 -23.45 -10.86
CA GLU A 264 -32.71 -22.20 -11.59
C GLU A 264 -33.05 -20.91 -10.82
N VAL A 265 -32.24 -20.63 -9.81
CA VAL A 265 -32.42 -19.45 -8.96
C VAL A 265 -31.08 -18.69 -8.79
N SER A 266 -31.13 -17.38 -8.67
CA SER A 266 -29.92 -16.64 -8.35
C SER A 266 -29.83 -16.27 -6.87
N LEU A 267 -28.71 -16.63 -6.28
CA LEU A 267 -28.51 -16.31 -4.89
C LEU A 267 -27.03 -16.43 -4.54
N SER A 268 -26.72 -16.23 -3.28
CA SER A 268 -25.33 -16.14 -2.86
C SER A 268 -24.81 -17.46 -2.34
N LEU A 269 -23.76 -17.94 -3.00
CA LEU A 269 -22.98 -19.08 -2.46
C LEU A 269 -21.51 -18.75 -2.56
N PRO A 270 -20.65 -19.48 -1.81
CA PRO A 270 -19.23 -19.15 -1.95
C PRO A 270 -18.81 -19.56 -3.33
N ARG A 271 -18.20 -18.63 -4.06
CA ARG A 271 -17.88 -18.87 -5.47
C ARG A 271 -16.48 -18.37 -5.73
N ILE A 272 -15.80 -19.00 -6.69
CA ILE A 272 -14.43 -18.69 -7.04
C ILE A 272 -14.41 -17.63 -8.13
N LEU A 273 -13.88 -16.45 -7.79
CA LEU A 273 -13.98 -15.29 -8.66
C LEU A 273 -12.64 -14.95 -9.27
N GLY A 274 -12.70 -14.64 -10.56
CA GLY A 274 -11.52 -14.46 -11.37
C GLY A 274 -11.84 -13.72 -12.66
N ALA A 275 -10.93 -13.76 -13.61
CA ALA A 275 -11.06 -12.94 -14.79
C ALA A 275 -12.28 -13.16 -15.68
N GLY A 276 -12.88 -14.34 -15.66
CA GLY A 276 -14.00 -14.57 -16.54
C GLY A 276 -15.30 -14.52 -15.78
N GLY A 277 -15.21 -14.00 -14.56
CA GLY A 277 -16.32 -14.09 -13.63
C GLY A 277 -16.14 -15.28 -12.75
N VAL A 278 -17.25 -15.80 -12.22
CA VAL A 278 -17.19 -16.95 -11.32
C VAL A 278 -16.83 -18.20 -12.11
N ALA A 279 -16.02 -19.06 -11.49
CA ALA A 279 -15.38 -20.18 -12.18
C ALA A 279 -15.51 -21.48 -11.38
N GLY A 280 -16.48 -21.54 -10.48
CA GLY A 280 -16.53 -22.67 -9.56
C GLY A 280 -17.24 -22.35 -8.26
N THR A 281 -17.90 -23.36 -7.71
CA THR A 281 -18.72 -23.18 -6.51
C THR A 281 -18.21 -24.07 -5.37
N VAL A 282 -18.26 -23.52 -4.17
CA VAL A 282 -17.79 -24.23 -2.98
C VAL A 282 -18.95 -24.52 -2.08
N TYR A 283 -19.14 -25.81 -1.76
CA TYR A 283 -20.27 -26.20 -0.94
C TYR A 283 -19.82 -26.50 0.47
N PRO A 284 -20.14 -25.59 1.39
CA PRO A 284 -19.83 -25.82 2.80
C PRO A 284 -20.88 -26.76 3.33
N SER A 285 -20.59 -27.46 4.43
CA SER A 285 -21.57 -28.33 5.09
C SER A 285 -22.68 -27.50 5.72
N LEU A 286 -23.91 -27.86 5.45
CA LEU A 286 -24.99 -27.20 6.15
C LEU A 286 -25.63 -28.16 7.14
N SER A 287 -26.07 -27.64 8.27
CA SER A 287 -26.95 -28.38 9.14
C SER A 287 -28.33 -28.42 8.49
N PRO A 288 -29.16 -29.39 8.91
CA PRO A 288 -30.54 -29.49 8.41
C PRO A 288 -31.32 -28.18 8.56
N GLU A 289 -31.20 -27.50 9.69
CA GLU A 289 -31.91 -26.24 9.86
C GLU A 289 -31.46 -25.24 8.82
N GLU A 290 -30.15 -25.12 8.65
CA GLU A 290 -29.58 -24.18 7.70
C GLU A 290 -29.99 -24.51 6.27
N ARG A 291 -29.99 -25.79 5.95
CA ARG A 291 -30.40 -26.24 4.63
C ARG A 291 -31.86 -25.88 4.40
N ALA A 292 -32.68 -26.07 5.43
CA ALA A 292 -34.09 -25.76 5.34
C ALA A 292 -34.32 -24.28 5.11
N ALA A 293 -33.54 -23.46 5.81
CA ALA A 293 -33.63 -22.01 5.68
C ALA A 293 -33.17 -21.54 4.30
N LEU A 294 -32.07 -22.13 3.82
CA LEU A 294 -31.57 -21.85 2.50
C LEU A 294 -32.65 -22.17 1.51
N ARG A 295 -33.26 -23.34 1.68
CA ARG A 295 -34.29 -23.79 0.75
C ARG A 295 -35.43 -22.78 0.69
N ARG A 296 -35.86 -22.33 1.85
CA ARG A 296 -36.90 -21.33 1.94
C ARG A 296 -36.49 -20.06 1.15
N SER A 297 -35.32 -19.51 1.49
CA SER A 297 -34.76 -18.31 0.86
C SER A 297 -34.82 -18.43 -0.67
N ALA A 298 -34.31 -19.56 -1.17
CA ALA A 298 -34.28 -19.84 -2.59
C ALA A 298 -35.67 -19.88 -3.17
N GLU A 299 -36.59 -20.55 -2.49
CA GLU A 299 -37.97 -20.66 -2.95
C GLU A 299 -38.53 -19.27 -3.20
N ILE A 300 -38.37 -18.43 -2.19
CA ILE A 300 -38.97 -17.09 -2.23
C ILE A 300 -38.32 -16.17 -3.30
N LEU A 301 -36.98 -16.24 -3.40
CA LEU A 301 -36.30 -15.60 -4.53
C LEU A 301 -36.88 -16.06 -5.87
N LYS A 302 -37.14 -17.37 -5.98
CA LYS A 302 -37.60 -17.97 -7.22
C LYS A 302 -39.00 -17.52 -7.58
N GLU A 303 -39.86 -17.38 -6.57
CA GLU A 303 -41.22 -16.91 -6.81
C GLU A 303 -41.18 -15.44 -7.18
N ALA A 304 -40.29 -14.67 -6.56
CA ALA A 304 -40.12 -13.28 -6.99
C ALA A 304 -39.81 -13.25 -8.47
N ALA A 305 -38.76 -13.97 -8.84
CA ALA A 305 -38.34 -14.03 -10.22
C ALA A 305 -39.54 -14.33 -11.10
N PHE A 306 -40.30 -15.38 -10.74
CA PHE A 306 -41.43 -15.81 -11.57
C PHE A 306 -42.51 -14.73 -11.70
N ALA A 307 -42.84 -14.09 -10.58
CA ALA A 307 -43.82 -13.01 -10.53
C ALA A 307 -43.44 -11.90 -11.49
N LEU A 308 -42.13 -11.68 -11.62
CA LEU A 308 -41.67 -10.66 -12.54
C LEU A 308 -41.57 -11.16 -13.98
N GLY A 309 -41.71 -12.47 -14.19
CA GLY A 309 -41.54 -13.05 -15.51
C GLY A 309 -40.15 -13.53 -15.83
N PHE A 310 -39.38 -13.82 -14.79
CA PHE A 310 -38.06 -14.41 -14.97
C PHE A 310 -37.90 -15.73 -14.19
N MET B 1 -3.11 6.89 17.60
N MET B 1 -2.93 6.85 17.27
CA MET B 1 -3.45 7.32 16.25
CA MET B 1 -3.36 7.55 16.06
C MET B 1 -4.94 7.40 15.98
C MET B 1 -4.88 7.52 15.86
N LYS B 2 -5.57 8.39 16.61
CA LYS B 2 -7.00 8.57 16.57
C LYS B 2 -7.37 9.94 15.98
N VAL B 3 -8.45 9.98 15.17
CA VAL B 3 -8.94 11.19 14.52
C VAL B 3 -10.42 11.45 14.78
N GLY B 4 -10.76 12.66 15.22
CA GLY B 4 -12.16 13.07 15.28
C GLY B 4 -12.70 13.77 14.03
N ILE B 5 -14.00 13.62 13.76
CA ILE B 5 -14.71 14.36 12.75
C ILE B 5 -16.04 14.88 13.32
N VAL B 6 -16.18 16.20 13.39
CA VAL B 6 -17.42 16.82 13.81
C VAL B 6 -18.19 17.41 12.64
N GLY B 7 -19.36 16.86 12.55
CA GLY B 7 -20.44 16.94 11.59
C GLY B 7 -20.25 15.78 10.63
N SER B 8 -21.40 15.18 10.46
CA SER B 8 -21.60 13.89 9.84
C SER B 8 -22.10 13.84 8.42
N GLY B 9 -22.23 14.98 7.78
CA GLY B 9 -22.88 15.05 6.49
C GLY B 9 -21.97 14.53 5.39
N MET B 10 -22.27 14.92 4.16
CA MET B 10 -21.47 14.44 3.03
C MET B 10 -19.93 14.62 3.15
N VAL B 11 -19.45 15.82 3.45
CA VAL B 11 -18.02 16.04 3.63
C VAL B 11 -17.43 15.22 4.80
N GLY B 12 -18.09 15.25 5.95
CA GLY B 12 -17.58 14.52 7.10
C GLY B 12 -17.49 13.04 6.83
N SER B 13 -18.57 12.49 6.30
CA SER B 13 -18.61 11.06 6.07
C SER B 13 -17.62 10.68 5.00
N ALA B 14 -17.46 11.53 3.98
CA ALA B 14 -16.54 11.17 2.92
C ALA B 14 -15.11 11.22 3.43
N THR B 15 -14.82 12.18 4.30
CA THR B 15 -13.50 12.24 4.93
C THR B 15 -13.26 10.97 5.74
N ALA B 16 -14.23 10.58 6.57
CA ALA B 16 -14.09 9.31 7.29
C ALA B 16 -13.79 8.15 6.33
N TYR B 17 -14.61 8.00 5.30
CA TYR B 17 -14.42 6.95 4.30
C TYR B 17 -13.01 6.92 3.77
N ALA B 18 -12.48 8.11 3.48
CA ALA B 18 -11.17 8.17 2.86
C ALA B 18 -10.08 7.78 3.86
N LEU B 19 -10.20 8.32 5.06
CA LEU B 19 -9.33 7.91 6.15
C LEU B 19 -9.27 6.40 6.24
N ALA B 20 -10.43 5.78 6.06
CA ALA B 20 -10.53 4.35 6.28
C ALA B 20 -9.99 3.52 5.14
N LEU B 21 -10.22 3.96 3.91
CA LEU B 21 -9.78 3.18 2.77
C LEU B 21 -8.28 3.32 2.60
N LEU B 22 -7.76 4.49 2.98
CA LEU B 22 -6.34 4.72 2.86
C LEU B 22 -5.53 4.20 4.07
N GLY B 23 -6.23 3.87 5.14
CA GLY B 23 -5.59 3.28 6.30
C GLY B 23 -4.71 4.23 7.07
N VAL B 24 -5.08 5.51 6.99
CA VAL B 24 -4.43 6.61 7.68
C VAL B 24 -4.38 6.44 9.17
N ALA B 25 -5.55 6.36 9.77
CA ALA B 25 -5.66 6.41 11.20
C ALA B 25 -6.09 5.04 11.70
N ARG B 26 -5.81 4.74 12.97
N ARG B 26 -5.81 4.78 12.97
CA ARG B 26 -6.32 3.50 13.54
CA ARG B 26 -6.25 3.56 13.62
C ARG B 26 -7.76 3.66 14.00
C ARG B 26 -7.71 3.67 14.02
N GLU B 27 -8.17 4.90 14.28
CA GLU B 27 -9.49 5.13 14.87
C GLU B 27 -10.13 6.39 14.36
N VAL B 28 -11.41 6.33 14.04
CA VAL B 28 -12.15 7.48 13.53
C VAL B 28 -13.49 7.68 14.26
N VAL B 29 -13.61 8.82 14.94
CA VAL B 29 -14.83 9.09 15.69
C VAL B 29 -15.69 10.12 15.01
N LEU B 30 -16.93 9.74 14.72
CA LEU B 30 -17.91 10.66 14.15
C LEU B 30 -18.83 11.25 15.21
N VAL B 31 -18.93 12.57 15.22
CA VAL B 31 -19.76 13.27 16.16
C VAL B 31 -20.72 14.17 15.39
N ASP B 32 -22.01 13.91 15.51
CA ASP B 32 -22.98 14.78 14.85
C ASP B 32 -24.21 15.03 15.70
N LEU B 33 -24.80 16.21 15.55
CA LEU B 33 -26.02 16.57 16.22
C LEU B 33 -27.09 15.48 16.05
N ASP B 34 -27.20 14.96 14.83
CA ASP B 34 -28.18 13.94 14.57
C ASP B 34 -27.40 12.68 14.83
N ARG B 35 -27.72 12.11 15.98
N ARG B 35 -27.72 12.10 15.98
CA ARG B 35 -26.96 10.98 16.49
CA ARG B 35 -26.97 10.97 16.49
C ARG B 35 -27.06 9.77 15.56
C ARG B 35 -27.05 9.77 15.57
N LYS B 36 -28.25 9.54 15.03
CA LYS B 36 -28.59 8.41 14.18
C LYS B 36 -27.86 8.45 12.86
N LEU B 37 -27.67 9.66 12.34
CA LEU B 37 -26.94 9.86 11.11
C LEU B 37 -25.49 9.45 11.28
N ALA B 38 -24.87 9.93 12.34
CA ALA B 38 -23.49 9.60 12.56
C ALA B 38 -23.41 8.10 12.68
N GLN B 39 -24.30 7.50 13.45
CA GLN B 39 -24.19 6.06 13.66
C GLN B 39 -24.31 5.31 12.34
N ALA B 40 -25.22 5.73 11.49
CA ALA B 40 -25.42 5.08 10.20
C ALA B 40 -24.20 5.17 9.30
N HIS B 41 -23.65 6.37 9.18
CA HIS B 41 -22.42 6.52 8.44
C HIS B 41 -21.30 5.63 9.01
N ALA B 42 -21.14 5.67 10.31
CA ALA B 42 -20.16 4.83 10.97
C ALA B 42 -20.33 3.38 10.55
N GLU B 43 -21.56 2.89 10.60
CA GLU B 43 -21.72 1.46 10.35
C GLU B 43 -21.53 1.09 8.88
N ASP B 44 -21.98 1.98 8.01
CA ASP B 44 -21.77 1.81 6.59
C ASP B 44 -20.29 1.71 6.30
N ILE B 45 -19.50 2.62 6.87
CA ILE B 45 -18.04 2.56 6.64
C ILE B 45 -17.36 1.32 7.26
N LEU B 46 -17.77 0.99 8.47
CA LEU B 46 -17.37 -0.22 9.13
C LEU B 46 -17.54 -1.43 8.22
N HIS B 47 -18.65 -1.46 7.50
CA HIS B 47 -18.91 -2.53 6.56
C HIS B 47 -17.82 -2.56 5.52
N ALA B 48 -17.32 -1.39 5.14
CA ALA B 48 -16.29 -1.37 4.11
C ALA B 48 -14.93 -1.81 4.64
N THR B 49 -14.64 -1.54 5.93
CA THR B 49 -13.26 -1.83 6.42
C THR B 49 -12.64 -3.21 6.06
N PRO B 50 -13.42 -4.28 6.11
CA PRO B 50 -12.81 -5.58 5.82
C PRO B 50 -12.23 -5.67 4.41
N PHE B 51 -12.62 -4.76 3.54
CA PHE B 51 -12.11 -4.76 2.19
C PHE B 51 -10.98 -3.82 1.98
N ALA B 52 -10.62 -3.09 3.04
CA ALA B 52 -9.35 -2.37 3.00
C ALA B 52 -8.41 -2.53 4.22
N HIS B 53 -8.77 -1.91 5.34
CA HIS B 53 -7.88 -1.78 6.50
C HIS B 53 -8.63 -1.86 7.82
N PRO B 54 -7.95 -2.39 8.83
CA PRO B 54 -8.49 -2.51 10.18
C PRO B 54 -8.56 -1.14 10.79
N VAL B 55 -9.60 -0.39 10.44
CA VAL B 55 -9.81 0.90 11.06
C VAL B 55 -11.08 0.85 11.89
N TRP B 56 -11.01 1.35 13.12
CA TRP B 56 -12.17 1.30 13.98
C TRP B 56 -12.90 2.60 13.78
N VAL B 57 -14.08 2.51 13.18
CA VAL B 57 -14.89 3.68 12.88
C VAL B 57 -16.17 3.65 13.67
N TRP B 58 -16.39 4.66 14.50
CA TRP B 58 -17.62 4.68 15.30
C TRP B 58 -18.17 6.07 15.56
N ALA B 59 -19.43 6.12 15.95
CA ALA B 59 -20.08 7.38 16.26
C ALA B 59 -20.15 7.57 17.78
N GLY B 60 -19.84 8.78 18.24
CA GLY B 60 -19.99 9.09 19.65
C GLY B 60 -20.16 10.57 19.91
N SER B 61 -19.87 11.00 21.11
CA SER B 61 -20.13 12.37 21.46
C SER B 61 -18.80 13.06 21.66
N TYR B 62 -18.85 14.34 21.96
CA TYR B 62 -17.63 15.15 22.01
C TYR B 62 -16.62 14.55 22.96
N GLY B 63 -17.10 14.00 24.06
CA GLY B 63 -16.20 13.42 25.04
C GLY B 63 -15.34 12.30 24.46
N ASP B 64 -15.90 11.62 23.46
CA ASP B 64 -15.25 10.50 22.81
C ASP B 64 -14.10 10.95 21.92
N LEU B 65 -13.93 12.26 21.77
CA LEU B 65 -12.85 12.81 20.96
C LEU B 65 -11.54 12.85 21.73
N GLU B 66 -11.56 12.47 23.00
CA GLU B 66 -10.37 12.54 23.81
C GLU B 66 -9.21 11.84 23.13
N GLY B 67 -8.06 12.50 23.10
CA GLY B 67 -6.85 11.89 22.58
C GLY B 67 -6.68 11.93 21.09
N ALA B 68 -7.67 12.48 20.38
CA ALA B 68 -7.53 12.62 18.95
C ALA B 68 -6.44 13.63 18.62
N ARG B 69 -5.52 13.24 17.74
CA ARG B 69 -4.46 14.12 17.26
C ARG B 69 -5.03 15.27 16.46
N ALA B 70 -6.04 14.97 15.64
CA ALA B 70 -6.72 15.99 14.86
C ALA B 70 -8.23 15.77 14.88
N VAL B 71 -8.97 16.87 14.82
CA VAL B 71 -10.41 16.83 14.68
C VAL B 71 -10.79 17.72 13.51
N VAL B 72 -11.49 17.14 12.54
CA VAL B 72 -11.95 17.83 11.36
C VAL B 72 -13.26 18.52 11.71
N LEU B 73 -13.39 19.83 11.48
CA LEU B 73 -14.70 20.43 11.72
C LEU B 73 -15.35 20.56 10.35
N ALA B 74 -16.28 19.65 10.10
CA ALA B 74 -17.20 19.57 8.95
C ALA B 74 -18.64 20.03 9.14
N ALA B 75 -18.96 20.55 10.31
CA ALA B 75 -20.37 20.77 10.58
C ALA B 75 -20.85 21.97 9.78
N GLY B 76 -22.14 22.21 9.84
CA GLY B 76 -22.72 23.38 9.20
C GLY B 76 -24.07 23.14 8.57
N VAL B 77 -24.88 24.18 8.52
CA VAL B 77 -26.31 24.07 8.53
C VAL B 77 -26.80 23.77 7.14
N ALA B 78 -28.10 23.49 7.03
CA ALA B 78 -28.76 23.29 5.75
C ALA B 78 -28.82 24.63 5.02
N GLN B 79 -28.45 24.62 3.75
N GLN B 79 -28.52 24.70 3.72
CA GLN B 79 -28.57 25.81 2.90
CA GLN B 79 -28.36 26.03 3.02
C GLN B 79 -30.02 26.05 2.50
C GLN B 79 -29.54 26.96 2.63
N ARG B 80 -30.53 27.22 2.84
N ARG B 80 -30.80 26.55 2.80
CA ARG B 80 -31.89 27.57 2.48
CA ARG B 80 -31.94 27.45 2.52
C ARG B 80 -31.79 28.40 1.22
C ARG B 80 -31.78 28.32 1.25
N PRO B 81 -32.56 28.04 0.17
CA PRO B 81 -32.56 28.88 -1.05
C PRO B 81 -33.33 30.19 -0.88
N GLY B 82 -32.67 31.30 -1.23
CA GLY B 82 -33.10 32.67 -1.06
C GLY B 82 -32.08 33.41 -0.20
N GLU B 83 -31.45 32.66 0.68
CA GLU B 83 -30.76 33.12 1.86
C GLU B 83 -29.41 33.63 1.40
N THR B 84 -29.02 34.82 1.86
CA THR B 84 -27.76 35.39 1.42
C THR B 84 -26.59 34.63 1.98
N ARG B 85 -25.48 34.66 1.27
CA ARG B 85 -24.23 34.09 1.76
C ARG B 85 -23.86 34.53 3.18
N LEU B 86 -24.22 35.78 3.48
CA LEU B 86 -24.09 36.32 4.83
C LEU B 86 -24.93 35.68 5.95
N GLN B 87 -26.21 35.36 5.71
CA GLN B 87 -27.01 34.78 6.75
C GLN B 87 -26.52 33.37 7.03
N LEU B 88 -26.14 32.69 5.96
CA LEU B 88 -25.58 31.36 6.06
C LEU B 88 -24.31 31.32 6.90
N LEU B 89 -23.41 32.18 6.49
CA LEU B 89 -22.21 32.44 7.23
C LEU B 89 -22.46 32.70 8.72
N ASP B 90 -23.48 33.51 9.02
CA ASP B 90 -23.86 33.79 10.39
C ASP B 90 -24.30 32.52 11.11
N ARG B 91 -25.10 31.71 10.43
CA ARG B 91 -25.59 30.48 11.01
C ARG B 91 -24.46 29.50 11.29
N ASN B 92 -23.52 29.43 10.35
CA ASN B 92 -22.34 28.60 10.49
C ASN B 92 -21.42 29.05 11.62
N ALA B 93 -21.26 30.36 11.76
CA ALA B 93 -20.44 30.94 12.80
C ALA B 93 -21.00 30.53 14.17
N GLN B 94 -22.32 30.52 14.29
CA GLN B 94 -22.92 30.08 15.53
C GLN B 94 -22.73 28.59 15.81
N VAL B 95 -22.89 27.80 14.77
CA VAL B 95 -22.54 26.38 14.89
C VAL B 95 -21.13 26.20 15.46
N PHE B 96 -20.16 26.91 14.90
CA PHE B 96 -18.77 26.81 15.34
C PHE B 96 -18.57 27.32 16.76
N ALA B 97 -19.36 28.32 17.12
CA ALA B 97 -19.31 28.83 18.49
C ALA B 97 -19.79 27.77 19.49
N GLN B 98 -20.71 26.92 19.07
CA GLN B 98 -21.00 25.70 19.85
C GLN B 98 -19.87 24.69 19.83
N VAL B 99 -19.42 24.36 18.63
CA VAL B 99 -18.59 23.18 18.43
C VAL B 99 -17.18 23.35 18.98
N VAL B 100 -16.54 24.46 18.69
CA VAL B 100 -15.13 24.61 18.99
C VAL B 100 -14.79 24.39 20.47
N PRO B 101 -15.49 25.06 21.38
CA PRO B 101 -15.19 24.91 22.80
C PRO B 101 -15.39 23.46 23.26
N ARG B 102 -16.42 22.80 22.74
CA ARG B 102 -16.69 21.41 23.05
C ARG B 102 -15.60 20.44 22.62
N VAL B 103 -15.08 20.68 21.42
CA VAL B 103 -14.02 19.84 20.87
C VAL B 103 -12.75 20.01 21.70
N LEU B 104 -12.42 21.27 21.96
CA LEU B 104 -11.24 21.59 22.76
C LEU B 104 -11.36 21.19 24.25
N GLU B 105 -12.58 21.16 24.77
CA GLU B 105 -12.79 20.64 26.11
C GLU B 105 -12.32 19.18 26.20
N ALA B 106 -12.74 18.35 25.26
CA ALA B 106 -12.42 16.92 25.28
C ALA B 106 -11.01 16.61 24.82
N ALA B 107 -10.53 17.36 23.85
CA ALA B 107 -9.28 17.05 23.19
C ALA B 107 -8.47 18.33 23.08
N PRO B 108 -7.95 18.80 24.21
CA PRO B 108 -7.39 20.15 24.21
C PRO B 108 -6.08 20.13 23.46
N GLU B 109 -5.55 18.94 23.25
N GLU B 109 -5.49 18.96 23.24
CA GLU B 109 -4.31 18.72 22.55
CA GLU B 109 -4.25 18.91 22.49
C GLU B 109 -4.41 18.80 21.01
C GLU B 109 -4.39 18.82 20.97
N ALA B 110 -5.57 18.78 20.43
CA ALA B 110 -5.64 18.41 19.03
C ALA B 110 -5.30 19.56 18.07
N VAL B 111 -5.55 19.32 16.79
CA VAL B 111 -5.27 20.29 15.76
C VAL B 111 -6.61 20.34 15.10
N LEU B 112 -7.13 21.53 14.88
CA LEU B 112 -8.41 21.67 14.23
C LEU B 112 -8.24 21.80 12.71
N LEU B 113 -8.86 20.89 11.97
CA LEU B 113 -8.87 20.95 10.51
C LEU B 113 -10.25 21.39 10.13
N VAL B 114 -10.35 22.59 9.56
CA VAL B 114 -11.59 23.22 9.19
C VAL B 114 -11.94 22.89 7.74
N ALA B 115 -13.15 22.37 7.60
CA ALA B 115 -13.76 21.89 6.36
C ALA B 115 -14.74 22.92 5.84
N THR B 116 -15.70 23.25 6.69
CA THR B 116 -16.89 24.01 6.35
C THR B 116 -16.67 25.30 5.53
N ASN B 117 -17.44 25.45 4.46
CA ASN B 117 -17.41 26.64 3.62
C ASN B 117 -18.21 27.83 4.14
N PRO B 118 -17.76 29.06 3.78
CA PRO B 118 -16.49 29.32 3.09
C PRO B 118 -15.28 29.07 4.01
N VAL B 119 -14.29 28.36 3.50
CA VAL B 119 -13.33 27.78 4.41
C VAL B 119 -12.40 28.78 5.10
N ASP B 120 -12.01 29.86 4.43
CA ASP B 120 -11.04 30.82 5.01
C ASP B 120 -11.63 31.57 6.19
N VAL B 121 -12.82 32.10 5.97
CA VAL B 121 -13.55 32.73 7.03
C VAL B 121 -13.84 31.75 8.21
N MET B 122 -14.35 30.56 7.93
CA MET B 122 -14.64 29.61 9.02
C MET B 122 -13.38 29.32 9.80
N THR B 123 -12.26 29.20 9.10
CA THR B 123 -10.95 29.04 9.73
C THR B 123 -10.63 30.20 10.65
N GLN B 124 -10.92 31.42 10.20
CA GLN B 124 -10.76 32.59 11.08
C GLN B 124 -11.60 32.48 12.34
N VAL B 125 -12.89 32.17 12.17
CA VAL B 125 -13.82 32.00 13.29
C VAL B 125 -13.33 30.98 14.30
N ALA B 126 -12.83 29.86 13.79
CA ALA B 126 -12.31 28.82 14.65
C ALA B 126 -11.05 29.28 15.38
N TYR B 127 -10.15 29.93 14.67
CA TYR B 127 -8.95 30.47 15.32
C TYR B 127 -9.31 31.38 16.46
N ALA B 128 -10.27 32.25 16.20
CA ALA B 128 -10.69 33.23 17.19
C ALA B 128 -11.33 32.59 18.39
N LEU B 129 -12.20 31.63 18.13
CA LEU B 129 -12.91 30.99 19.22
C LEU B 129 -12.04 30.03 20.01
N SER B 130 -10.95 29.56 19.42
CA SER B 130 -10.11 28.53 20.05
C SER B 130 -9.20 29.09 21.11
N GLY B 131 -8.68 30.29 20.83
CA GLY B 131 -7.68 30.90 21.68
C GLY B 131 -6.42 30.07 21.67
N LEU B 132 -6.26 29.26 20.63
CA LEU B 132 -5.05 28.50 20.53
C LEU B 132 -4.04 29.34 19.78
N PRO B 133 -2.80 28.85 19.67
CA PRO B 133 -1.83 29.47 18.74
C PRO B 133 -2.31 29.24 17.30
N PRO B 134 -2.04 30.17 16.41
CA PRO B 134 -2.56 30.20 15.03
C PRO B 134 -2.35 28.90 14.26
N GLY B 135 -1.17 28.30 14.40
CA GLY B 135 -0.85 27.10 13.66
C GLY B 135 -1.57 25.84 14.11
N ARG B 136 -2.40 25.96 15.15
CA ARG B 136 -3.17 24.83 15.63
C ARG B 136 -4.51 24.73 14.90
N VAL B 137 -4.83 25.77 14.15
CA VAL B 137 -6.09 25.82 13.45
C VAL B 137 -5.77 25.94 11.96
N VAL B 138 -6.08 24.91 11.20
CA VAL B 138 -5.71 24.83 9.79
C VAL B 138 -6.95 24.61 8.93
N GLY B 139 -7.15 25.46 7.93
CA GLY B 139 -8.24 25.22 6.99
C GLY B 139 -7.79 24.43 5.79
N SER B 140 -8.69 23.67 5.19
CA SER B 140 -8.32 22.82 4.06
C SER B 140 -7.85 23.70 2.90
N GLY B 141 -8.47 24.87 2.77
CA GLY B 141 -7.92 25.88 1.88
C GLY B 141 -7.91 25.52 0.41
N THR B 142 -6.80 25.82 -0.25
CA THR B 142 -6.71 25.69 -1.71
C THR B 142 -6.15 24.36 -2.21
N ILE B 143 -5.90 23.42 -1.30
CA ILE B 143 -5.17 22.22 -1.69
C ILE B 143 -5.68 21.48 -2.94
N LEU B 144 -6.99 21.33 -3.06
CA LEU B 144 -7.54 20.65 -4.22
C LEU B 144 -7.23 21.42 -5.49
N ASP B 145 -7.26 22.75 -5.36
CA ASP B 145 -7.07 23.61 -6.48
C ASP B 145 -5.61 23.63 -6.89
N THR B 146 -4.72 23.65 -5.91
CA THR B 146 -3.29 23.60 -6.19
C THR B 146 -2.97 22.28 -6.89
N ALA B 147 -3.55 21.19 -6.39
CA ALA B 147 -3.29 19.87 -6.95
C ALA B 147 -3.80 19.77 -8.37
N ARG B 148 -4.97 20.33 -8.68
N ARG B 148 -4.97 20.38 -8.61
CA ARG B 148 -5.48 20.29 -10.05
CA ARG B 148 -5.53 20.35 -9.95
C ARG B 148 -4.65 21.16 -10.98
C ARG B 148 -4.64 21.13 -10.91
N PHE B 149 -4.16 22.28 -10.44
CA PHE B 149 -3.26 23.12 -11.23
C PHE B 149 -2.06 22.27 -11.63
N ARG B 150 -1.35 21.78 -10.65
CA ARG B 150 -0.25 20.91 -10.91
C ARG B 150 -0.62 19.81 -11.90
N ALA B 151 -1.79 19.24 -11.79
CA ALA B 151 -2.21 18.18 -12.70
C ALA B 151 -2.38 18.59 -14.15
N LEU B 152 -3.06 19.70 -14.37
CA LEU B 152 -3.26 20.22 -15.72
C LEU B 152 -1.92 20.61 -16.33
N LEU B 153 -1.02 21.21 -15.54
CA LEU B 153 0.31 21.54 -16.04
C LEU B 153 1.09 20.29 -16.44
N ALA B 154 1.05 19.32 -15.54
CA ALA B 154 1.72 18.06 -15.71
C ALA B 154 1.27 17.45 -17.02
N GLU B 155 -0.05 17.51 -17.25
CA GLU B 155 -0.65 16.94 -18.44
C GLU B 155 -0.21 17.69 -19.68
N TYR B 156 -0.18 19.02 -19.61
CA TYR B 156 0.25 19.81 -20.74
C TYR B 156 1.68 19.44 -21.12
N LEU B 157 2.57 19.42 -20.13
CA LEU B 157 3.98 19.15 -20.31
C LEU B 157 4.33 17.69 -20.58
N ARG B 158 3.35 16.80 -20.39
CA ARG B 158 3.62 15.36 -20.46
C ARG B 158 4.67 14.91 -19.46
N VAL B 159 4.56 15.42 -18.24
CA VAL B 159 5.48 15.11 -17.15
C VAL B 159 4.69 14.64 -15.92
N ALA B 160 5.34 13.87 -15.05
CA ALA B 160 4.71 13.41 -13.84
C ALA B 160 4.36 14.59 -12.96
N PRO B 161 3.11 14.63 -12.43
CA PRO B 161 2.65 15.72 -11.57
C PRO B 161 3.57 16.00 -10.38
N GLN B 162 4.33 14.99 -9.99
CA GLN B 162 5.17 15.07 -8.81
C GLN B 162 6.35 15.99 -9.11
N SER B 163 6.66 16.11 -10.39
CA SER B 163 7.78 16.97 -10.77
C SER B 163 7.34 18.42 -11.05
N VAL B 164 6.05 18.69 -10.88
CA VAL B 164 5.52 20.03 -11.07
C VAL B 164 5.26 20.70 -9.72
N HIS B 165 5.99 21.78 -9.47
N HIS B 165 6.00 21.80 -9.56
CA HIS B 165 5.68 22.63 -8.34
CA HIS B 165 5.76 22.69 -8.45
C HIS B 165 4.99 23.87 -8.83
C HIS B 165 4.95 23.87 -8.94
N ALA B 166 3.78 24.05 -8.33
CA ALA B 166 3.07 25.28 -8.63
C ALA B 166 2.03 25.47 -7.53
N TYR B 167 1.61 26.71 -7.31
CA TYR B 167 0.72 27.00 -6.19
C TYR B 167 -0.56 27.71 -6.58
N VAL B 168 -1.58 27.53 -5.74
CA VAL B 168 -2.77 28.34 -5.77
C VAL B 168 -2.90 28.95 -4.38
N LEU B 169 -3.04 30.27 -4.30
CA LEU B 169 -3.00 30.95 -3.02
C LEU B 169 -4.22 31.85 -2.78
N GLY B 170 -4.42 32.27 -1.54
CA GLY B 170 -5.53 33.17 -1.24
C GLY B 170 -6.85 32.56 -0.86
N GLU B 171 -7.95 33.20 -1.21
CA GLU B 171 -9.28 32.74 -0.87
C GLU B 171 -9.59 31.52 -1.69
N HIS B 172 -10.16 30.49 -1.06
CA HIS B 172 -10.52 29.31 -1.81
C HIS B 172 -11.87 29.70 -2.38
N GLY B 173 -11.90 29.82 -3.70
CA GLY B 173 -12.98 30.51 -4.36
C GLY B 173 -12.55 31.21 -5.64
N ASP B 174 -13.38 32.14 -6.09
CA ASP B 174 -13.19 32.78 -7.38
C ASP B 174 -11.97 33.68 -7.44
N SER B 175 -11.60 34.24 -6.29
CA SER B 175 -10.54 35.22 -6.19
C SER B 175 -9.20 34.58 -5.84
N GLU B 176 -9.12 33.26 -5.97
CA GLU B 176 -7.88 32.54 -5.72
C GLU B 176 -6.87 32.92 -6.80
N VAL B 177 -5.59 32.85 -6.44
CA VAL B 177 -4.53 33.23 -7.36
C VAL B 177 -3.67 32.05 -7.77
N LEU B 178 -3.53 31.87 -9.07
CA LEU B 178 -2.64 30.85 -9.61
C LEU B 178 -1.28 31.50 -9.78
N VAL B 179 -0.23 31.01 -9.13
CA VAL B 179 1.01 31.71 -9.34
C VAL B 179 1.71 31.00 -10.50
N TRP B 180 1.69 31.65 -11.66
CA TRP B 180 2.39 31.19 -12.86
C TRP B 180 3.83 31.60 -12.84
N SER B 181 4.06 32.74 -12.19
CA SER B 181 5.36 33.40 -12.07
C SER B 181 6.48 32.44 -11.65
N SER B 182 6.42 31.96 -10.40
CA SER B 182 7.51 31.19 -9.83
C SER B 182 7.33 29.69 -10.00
N ALA B 183 6.27 29.32 -10.70
CA ALA B 183 6.01 27.93 -10.98
C ALA B 183 7.19 27.25 -11.67
N GLN B 184 7.57 26.05 -11.20
CA GLN B 184 8.57 25.28 -11.88
C GLN B 184 8.30 23.78 -12.01
N VAL B 185 9.07 23.16 -12.90
CA VAL B 185 9.03 21.75 -13.17
C VAL B 185 10.45 21.24 -13.04
N GLY B 186 10.62 20.23 -12.22
CA GLY B 186 11.94 19.66 -12.04
C GLY B 186 12.92 20.71 -11.53
N GLY B 187 12.39 21.69 -10.80
CA GLY B 187 13.22 22.69 -10.17
C GLY B 187 13.71 23.76 -11.12
N VAL B 188 13.14 23.81 -12.31
CA VAL B 188 13.47 24.84 -13.25
C VAL B 188 12.20 25.51 -13.73
N PRO B 189 12.27 26.82 -13.95
CA PRO B 189 11.14 27.66 -14.29
C PRO B 189 10.25 27.05 -15.33
N LEU B 190 8.95 27.03 -15.05
CA LEU B 190 7.93 26.43 -15.92
C LEU B 190 8.04 26.87 -17.36
N LEU B 191 7.92 28.16 -17.59
CA LEU B 191 7.72 28.65 -18.94
C LEU B 191 8.96 28.44 -19.79
N GLU B 192 10.12 28.62 -19.17
CA GLU B 192 11.39 28.24 -19.79
C GLU B 192 11.38 26.76 -20.18
N PHE B 193 11.16 25.90 -19.20
CA PHE B 193 11.10 24.49 -19.46
C PHE B 193 9.97 24.16 -20.41
N ALA B 194 9.11 25.14 -20.69
CA ALA B 194 8.08 24.96 -21.71
C ALA B 194 8.73 24.92 -23.10
N GLU B 195 9.54 25.91 -23.45
CA GLU B 195 10.25 25.88 -24.73
C GLU B 195 11.21 24.70 -24.79
N ALA B 196 11.52 24.17 -23.61
CA ALA B 196 12.59 23.22 -23.35
C ALA B 196 12.06 21.80 -23.58
N ARG B 197 10.87 21.72 -24.17
CA ARG B 197 10.16 20.47 -24.35
C ARG B 197 9.44 20.50 -25.69
N GLY B 198 9.18 21.69 -26.19
CA GLY B 198 8.42 21.86 -27.41
C GLY B 198 7.00 22.31 -27.10
N ARG B 199 6.76 23.61 -27.22
CA ARG B 199 5.42 24.16 -26.98
C ARG B 199 5.34 25.02 -25.74
N ALA B 200 5.32 26.33 -25.93
CA ALA B 200 5.20 27.27 -24.82
C ALA B 200 3.74 27.54 -24.53
N LEU B 201 3.44 27.92 -23.30
CA LEU B 201 2.07 28.18 -22.89
C LEU B 201 1.56 29.50 -23.46
N SER B 202 0.50 29.43 -24.24
CA SER B 202 -0.10 30.61 -24.85
C SER B 202 -1.22 31.15 -23.99
N PRO B 203 -1.31 32.47 -23.89
CA PRO B 203 -2.39 33.10 -23.12
C PRO B 203 -3.67 32.30 -23.24
N GLU B 204 -3.79 31.55 -24.33
CA GLU B 204 -4.97 30.74 -24.59
C GLU B 204 -4.93 29.44 -23.79
N ASP B 205 -3.74 28.88 -23.66
CA ASP B 205 -3.54 27.67 -22.87
C ASP B 205 -3.60 28.01 -21.38
N ARG B 206 -2.92 29.08 -20.99
CA ARG B 206 -3.00 29.59 -19.62
C ARG B 206 -4.45 29.76 -19.20
N ALA B 207 -5.30 30.31 -20.09
CA ALA B 207 -6.72 30.49 -19.82
C ALA B 207 -7.52 29.20 -19.74
N ARG B 208 -7.12 28.26 -20.60
N ARG B 208 -7.15 28.25 -20.60
CA ARG B 208 -7.74 26.94 -20.64
CA ARG B 208 -7.78 26.94 -20.61
C ARG B 208 -7.53 26.21 -19.32
C ARG B 208 -7.53 26.21 -19.30
N ILE B 209 -6.32 26.34 -18.77
CA ILE B 209 -5.93 25.75 -17.50
C ILE B 209 -6.57 26.48 -16.35
N ASP B 210 -6.64 27.79 -16.47
CA ASP B 210 -7.27 28.61 -15.45
C ASP B 210 -8.73 28.20 -15.25
N GLU B 211 -9.47 28.09 -16.36
CA GLU B 211 -10.86 27.63 -16.29
C GLU B 211 -10.89 26.28 -15.58
N GLY B 212 -9.98 25.41 -15.98
CA GLY B 212 -9.93 24.08 -15.45
C GLY B 212 -9.82 24.07 -13.94
N VAL B 213 -9.03 25.00 -13.39
CA VAL B 213 -8.82 25.06 -11.93
C VAL B 213 -10.01 25.79 -11.28
N ARG B 214 -10.12 27.08 -11.58
CA ARG B 214 -10.94 28.00 -10.81
C ARG B 214 -12.41 27.58 -10.77
N ARG B 215 -12.89 27.07 -11.90
CA ARG B 215 -14.30 26.74 -12.06
C ARG B 215 -14.71 25.30 -11.74
N ALA B 216 -13.78 24.45 -11.32
CA ALA B 216 -14.12 23.06 -11.08
C ALA B 216 -15.25 22.89 -10.06
N ALA B 217 -15.12 23.58 -8.94
CA ALA B 217 -16.08 23.43 -7.87
C ALA B 217 -17.48 23.79 -8.34
N TYR B 218 -17.57 24.87 -9.11
CA TYR B 218 -18.83 25.27 -9.72
C TYR B 218 -19.46 24.13 -10.56
N ARG B 219 -18.73 23.57 -11.50
CA ARG B 219 -19.27 22.49 -12.32
C ARG B 219 -19.72 21.32 -11.44
N ILE B 220 -18.91 20.97 -10.44
CA ILE B 220 -19.26 19.83 -9.61
C ILE B 220 -20.58 20.12 -8.94
N ILE B 221 -20.73 21.33 -8.45
CA ILE B 221 -21.95 21.67 -7.73
C ILE B 221 -23.18 21.80 -8.66
N GLU B 222 -22.96 22.17 -9.91
CA GLU B 222 -24.03 22.25 -10.86
C GLU B 222 -24.51 20.87 -11.22
N GLY B 223 -23.58 19.95 -11.49
CA GLY B 223 -23.98 18.57 -11.72
C GLY B 223 -24.54 17.76 -10.57
N LYS B 224 -23.78 17.62 -9.51
CA LYS B 224 -24.28 16.90 -8.33
C LYS B 224 -24.83 17.69 -7.13
N GLY B 225 -24.77 19.02 -7.17
CA GLY B 225 -25.23 19.76 -6.03
C GLY B 225 -24.35 19.93 -4.80
N ALA B 226 -23.26 19.20 -4.69
CA ALA B 226 -22.29 19.45 -3.63
C ALA B 226 -20.92 18.84 -3.96
N THR B 227 -19.86 19.30 -3.32
CA THR B 227 -18.60 18.59 -3.44
C THR B 227 -18.34 17.91 -2.10
N TYR B 228 -17.93 16.64 -2.17
CA TYR B 228 -17.42 15.88 -1.04
C TYR B 228 -16.10 15.14 -1.29
N TYR B 229 -16.12 14.26 -2.28
CA TYR B 229 -15.03 13.32 -2.51
C TYR B 229 -13.62 13.91 -2.54
N GLY B 230 -13.44 14.95 -3.34
CA GLY B 230 -12.13 15.55 -3.42
C GLY B 230 -11.64 15.99 -2.05
N ILE B 231 -12.44 16.80 -1.38
CA ILE B 231 -12.01 17.34 -0.12
C ILE B 231 -11.92 16.24 0.91
N GLY B 232 -12.74 15.21 0.79
CA GLY B 232 -12.60 14.07 1.68
C GLY B 232 -11.18 13.53 1.61
N ALA B 233 -10.69 13.28 0.40
CA ALA B 233 -9.32 12.78 0.27
C ALA B 233 -8.23 13.81 0.66
N GLY B 234 -8.43 15.08 0.32
CA GLY B 234 -7.50 16.13 0.74
C GLY B 234 -7.35 16.18 2.26
N LEU B 235 -8.49 16.30 2.93
CA LEU B 235 -8.58 16.26 4.37
C LEU B 235 -7.86 15.04 4.85
N ALA B 236 -8.02 13.91 4.16
CA ALA B 236 -7.34 12.69 4.61
C ALA B 236 -5.83 12.87 4.58
N ARG B 237 -5.33 13.48 3.50
N ARG B 237 -5.30 13.43 3.49
CA ARG B 237 -3.91 13.63 3.31
CA ARG B 237 -3.85 13.56 3.36
C ARG B 237 -3.33 14.56 4.36
C ARG B 237 -3.29 14.59 4.35
N LEU B 238 -4.10 15.58 4.71
CA LEU B 238 -3.67 16.52 5.75
C LEU B 238 -3.61 15.88 7.12
N VAL B 239 -4.63 15.08 7.40
CA VAL B 239 -4.67 14.30 8.61
C VAL B 239 -3.44 13.39 8.67
N ARG B 240 -3.08 12.80 7.53
CA ARG B 240 -1.91 11.95 7.53
C ARG B 240 -0.64 12.73 7.77
N ALA B 241 -0.55 13.91 7.19
CA ALA B 241 0.55 14.83 7.50
C ALA B 241 0.65 15.08 9.01
N ILE B 242 -0.47 15.43 9.61
CA ILE B 242 -0.46 15.74 11.03
C ILE B 242 -0.03 14.56 11.88
N LEU B 243 -0.63 13.40 11.65
CA LEU B 243 -0.31 12.23 12.47
C LEU B 243 1.11 11.63 12.30
N THR B 244 1.71 11.77 11.13
CA THR B 244 3.04 11.24 10.86
C THR B 244 4.09 12.28 11.08
N ASP B 245 3.69 13.45 11.57
CA ASP B 245 4.58 14.60 11.71
C ASP B 245 5.43 14.74 10.46
N GLU B 246 4.75 14.93 9.33
CA GLU B 246 5.37 14.88 8.04
C GLU B 246 6.19 16.12 7.75
N LYS B 247 5.80 17.25 8.34
CA LYS B 247 6.42 18.53 8.00
C LYS B 247 6.51 18.70 6.47
N GLY B 248 5.41 18.40 5.78
CA GLY B 248 5.36 18.55 4.33
C GLY B 248 4.73 19.87 3.94
N VAL B 249 4.84 20.26 2.68
CA VAL B 249 4.27 21.54 2.27
C VAL B 249 2.92 21.48 1.56
N TYR B 250 1.94 22.16 2.13
CA TYR B 250 0.57 22.18 1.58
C TYR B 250 0.04 23.59 1.57
N THR B 251 -0.81 23.95 0.61
CA THR B 251 -1.29 25.30 0.63
C THR B 251 -2.56 25.21 1.42
N VAL B 252 -2.51 25.73 2.63
CA VAL B 252 -3.66 25.65 3.52
C VAL B 252 -3.94 26.99 4.12
N SER B 253 -5.16 27.07 4.62
CA SER B 253 -5.64 28.30 5.21
C SER B 253 -5.30 28.38 6.70
N ALA B 254 -4.60 29.42 7.05
CA ALA B 254 -4.40 29.70 8.46
C ALA B 254 -4.37 31.20 8.69
N PHE B 255 -4.45 31.59 9.96
CA PHE B 255 -4.39 32.98 10.36
C PHE B 255 -2.98 33.45 10.11
N THR B 256 -2.90 34.48 9.28
CA THR B 256 -1.62 35.05 8.92
C THR B 256 -1.48 36.51 9.38
N PRO B 257 -0.48 36.81 10.22
CA PRO B 257 -0.33 38.15 10.77
C PRO B 257 -0.30 39.25 9.70
N GLU B 258 0.49 39.05 8.66
CA GLU B 258 0.40 39.93 7.52
C GLU B 258 0.66 39.22 6.19
N VAL B 259 -0.17 39.49 5.18
CA VAL B 259 0.09 38.98 3.85
C VAL B 259 -0.14 40.06 2.81
N ALA B 260 0.86 40.30 1.98
CA ALA B 260 0.71 41.24 0.87
C ALA B 260 0.10 42.56 1.32
N GLY B 261 0.51 43.05 2.49
CA GLY B 261 0.04 44.33 3.00
C GLY B 261 -1.19 44.29 3.89
N VAL B 262 -1.99 43.23 3.79
CA VAL B 262 -3.18 43.13 4.61
C VAL B 262 -2.85 42.48 5.94
N LEU B 263 -3.48 42.96 7.01
CA LEU B 263 -3.19 42.51 8.37
C LEU B 263 -4.20 41.53 8.97
N GLU B 264 -3.72 40.57 9.74
CA GLU B 264 -4.57 39.59 10.46
C GLU B 264 -5.73 38.98 9.68
N VAL B 265 -5.41 38.15 8.69
CA VAL B 265 -6.39 37.52 7.83
C VAL B 265 -6.08 36.04 7.69
N SER B 266 -7.11 35.22 7.50
CA SER B 266 -6.86 33.81 7.19
C SER B 266 -7.04 33.48 5.74
N LEU B 267 -6.01 32.84 5.21
CA LEU B 267 -6.07 32.43 3.81
C LEU B 267 -5.00 31.38 3.54
N SER B 268 -4.93 30.95 2.28
CA SER B 268 -4.06 29.86 1.91
C SER B 268 -2.70 30.34 1.46
N LEU B 269 -1.67 29.85 2.13
CA LEU B 269 -0.30 30.02 1.65
C LEU B 269 0.44 28.70 1.82
N PRO B 270 1.55 28.54 1.13
CA PRO B 270 2.20 27.24 1.37
C PRO B 270 2.74 27.19 2.80
N ARG B 271 2.40 26.14 3.52
CA ARG B 271 2.74 26.05 4.91
C ARG B 271 3.23 24.65 5.20
N ILE B 272 4.05 24.52 6.24
CA ILE B 272 4.72 23.29 6.60
C ILE B 272 3.88 22.59 7.66
N LEU B 273 3.34 21.45 7.30
CA LEU B 273 2.35 20.78 8.14
C LEU B 273 2.94 19.54 8.81
N GLY B 274 2.61 19.40 10.09
CA GLY B 274 3.22 18.43 10.98
C GLY B 274 2.36 18.26 12.22
N ALA B 275 2.94 17.62 13.22
CA ALA B 275 2.18 17.20 14.38
C ALA B 275 1.52 18.30 15.25
N GLY B 276 2.05 19.52 15.21
CA GLY B 276 1.50 20.55 16.05
C GLY B 276 0.67 21.48 15.19
N GLY B 277 0.35 21.02 14.00
CA GLY B 277 -0.27 21.88 13.02
C GLY B 277 0.77 22.50 12.12
N VAL B 278 0.45 23.65 11.55
CA VAL B 278 1.43 24.38 10.74
C VAL B 278 2.59 24.91 11.59
N ALA B 279 3.78 24.89 11.00
CA ALA B 279 5.03 25.09 11.73
C ALA B 279 5.98 25.97 10.94
N GLY B 280 5.45 26.73 10.00
CA GLY B 280 6.30 27.54 9.15
C GLY B 280 5.68 27.86 7.81
N THR B 281 6.04 29.00 7.26
CA THR B 281 5.43 29.43 6.03
C THR B 281 6.49 29.56 4.94
N VAL B 282 6.13 29.25 3.71
CA VAL B 282 7.02 29.35 2.56
C VAL B 282 6.52 30.41 1.59
N TYR B 283 7.37 31.39 1.29
CA TYR B 283 6.94 32.48 0.44
C TYR B 283 7.54 32.33 -0.94
N PRO B 284 6.71 31.94 -1.90
CA PRO B 284 7.11 31.87 -3.30
C PRO B 284 7.16 33.28 -3.89
N SER B 285 7.95 33.46 -4.95
CA SER B 285 8.02 34.74 -5.61
C SER B 285 6.71 35.03 -6.29
N LEU B 286 6.18 36.23 -6.07
CA LEU B 286 4.99 36.63 -6.80
C LEU B 286 5.31 37.72 -7.79
N SER B 287 4.68 37.68 -8.95
CA SER B 287 4.73 38.82 -9.85
C SER B 287 3.85 39.90 -9.27
N PRO B 288 4.07 41.14 -9.70
CA PRO B 288 3.25 42.27 -9.29
C PRO B 288 1.75 42.05 -9.51
N GLU B 289 1.36 41.51 -10.65
CA GLU B 289 -0.06 41.23 -10.86
C GLU B 289 -0.57 40.24 -9.81
N GLU B 290 0.21 39.18 -9.57
CA GLU B 290 -0.17 38.09 -8.68
C GLU B 290 -0.27 38.63 -7.28
N ARG B 291 0.75 39.37 -6.93
CA ARG B 291 0.81 40.12 -5.69
C ARG B 291 -0.46 40.93 -5.47
N ALA B 292 -0.85 41.67 -6.48
CA ALA B 292 -1.98 42.56 -6.39
C ALA B 292 -3.25 41.77 -6.17
N ALA B 293 -3.41 40.71 -6.95
CA ALA B 293 -4.57 39.83 -6.85
C ALA B 293 -4.70 39.18 -5.47
N LEU B 294 -3.55 38.76 -4.92
CA LEU B 294 -3.48 38.23 -3.58
C LEU B 294 -3.96 39.28 -2.60
N ARG B 295 -3.47 40.50 -2.74
CA ARG B 295 -3.85 41.58 -1.83
C ARG B 295 -5.35 41.85 -1.89
N ARG B 296 -5.90 41.83 -3.09
CA ARG B 296 -7.34 41.97 -3.26
C ARG B 296 -8.09 40.84 -2.47
N SER B 297 -7.73 39.59 -2.77
CA SER B 297 -8.34 38.41 -2.15
C SER B 297 -8.35 38.59 -0.62
N ALA B 298 -7.18 38.88 -0.07
CA ALA B 298 -7.00 39.09 1.36
C ALA B 298 -7.90 40.22 1.88
N GLU B 299 -7.93 41.34 1.16
CA GLU B 299 -8.78 42.45 1.55
C GLU B 299 -10.21 41.99 1.74
N ILE B 300 -10.73 41.33 0.72
CA ILE B 300 -12.12 40.88 0.74
C ILE B 300 -12.42 39.81 1.83
N LEU B 301 -11.50 38.88 2.02
CA LEU B 301 -11.61 37.96 3.15
C LEU B 301 -11.68 38.69 4.48
N LYS B 302 -10.85 39.70 4.61
CA LYS B 302 -10.77 40.48 5.83
C LYS B 302 -12.05 41.30 6.11
N GLU B 303 -12.65 41.85 5.05
CA GLU B 303 -13.89 42.58 5.23
C GLU B 303 -14.99 41.62 5.57
N ALA B 304 -14.98 40.45 4.95
CA ALA B 304 -15.94 39.41 5.32
C ALA B 304 -15.84 39.19 6.81
N ALA B 305 -14.61 38.92 7.27
CA ALA B 305 -14.37 38.67 8.67
C ALA B 305 -14.97 39.80 9.51
N PHE B 306 -14.64 41.03 9.16
CA PHE B 306 -15.09 42.15 9.96
C PHE B 306 -16.61 42.26 10.01
N ALA B 307 -17.25 42.10 8.86
CA ALA B 307 -18.71 42.17 8.75
C ALA B 307 -19.34 41.20 9.71
N LEU B 308 -18.69 40.07 9.92
CA LEU B 308 -19.22 39.04 10.79
C LEU B 308 -18.85 39.32 12.25
N GLY B 309 -17.96 40.27 12.47
CA GLY B 309 -17.47 40.52 13.82
C GLY B 309 -16.17 39.80 14.19
N PHE B 310 -15.40 39.38 13.20
CA PHE B 310 -14.12 38.75 13.48
C PHE B 310 -12.99 39.48 12.73
N MET C 1 3.22 -6.17 -15.31
CA MET C 1 3.86 -6.89 -16.40
C MET C 1 5.29 -7.35 -16.01
N LYS C 2 6.15 -7.57 -17.00
CA LYS C 2 7.32 -8.45 -16.83
C LYS C 2 8.68 -7.75 -16.87
N VAL C 3 9.57 -8.10 -15.94
CA VAL C 3 10.89 -7.53 -15.85
C VAL C 3 11.98 -8.60 -15.87
N GLY C 4 12.99 -8.41 -16.72
CA GLY C 4 14.19 -9.23 -16.65
C GLY C 4 15.36 -8.66 -15.82
N ILE C 5 16.15 -9.57 -15.22
CA ILE C 5 17.39 -9.22 -14.53
C ILE C 5 18.51 -10.15 -14.96
N VAL C 6 19.53 -9.58 -15.60
CA VAL C 6 20.70 -10.34 -16.00
C VAL C 6 21.90 -10.06 -15.10
N GLY C 7 22.34 -11.16 -14.53
CA GLY C 7 23.31 -11.33 -13.47
C GLY C 7 22.58 -11.36 -12.15
N SER C 8 22.88 -12.46 -11.50
CA SER C 8 22.16 -12.96 -10.34
C SER C 8 22.86 -12.73 -8.99
N GLY C 9 23.91 -11.90 -8.98
CA GLY C 9 24.70 -11.69 -7.78
C GLY C 9 23.98 -10.79 -6.77
N MET C 10 24.74 -10.22 -5.86
CA MET C 10 24.09 -9.44 -4.82
C MET C 10 23.18 -8.31 -5.32
N VAL C 11 23.64 -7.50 -6.27
CA VAL C 11 22.81 -6.43 -6.81
C VAL C 11 21.58 -6.99 -7.57
N GLY C 12 21.80 -7.96 -8.44
CA GLY C 12 20.67 -8.53 -9.17
C GLY C 12 19.61 -9.09 -8.23
N SER C 13 20.04 -9.94 -7.32
CA SER C 13 19.11 -10.58 -6.44
C SER C 13 18.41 -9.54 -5.56
N ALA C 14 19.14 -8.56 -5.07
CA ALA C 14 18.52 -7.55 -4.24
C ALA C 14 17.45 -6.79 -5.04
N THR C 15 17.77 -6.43 -6.27
CA THR C 15 16.79 -5.76 -7.12
C THR C 15 15.56 -6.62 -7.24
N ALA C 16 15.75 -7.92 -7.52
CA ALA C 16 14.59 -8.81 -7.64
C ALA C 16 13.74 -8.75 -6.35
N TYR C 17 14.38 -8.96 -5.22
CA TYR C 17 13.72 -8.91 -3.91
C TYR C 17 12.88 -7.67 -3.78
N ALA C 18 13.45 -6.53 -4.16
CA ALA C 18 12.79 -5.25 -3.96
C ALA C 18 11.56 -5.17 -4.87
N LEU C 19 11.75 -5.51 -6.12
CA LEU C 19 10.64 -5.59 -7.07
C LEU C 19 9.50 -6.39 -6.46
N ALA C 20 9.86 -7.47 -5.79
CA ALA C 20 8.87 -8.39 -5.24
C ALA C 20 8.17 -7.87 -4.00
N LEU C 21 8.92 -7.31 -3.06
CA LEU C 21 8.32 -6.80 -1.83
C LEU C 21 7.47 -5.59 -2.09
N LEU C 22 7.87 -4.78 -3.07
CA LEU C 22 7.12 -3.57 -3.43
C LEU C 22 5.96 -3.81 -4.41
N GLY C 23 5.92 -5.00 -5.01
CA GLY C 23 4.78 -5.37 -5.84
C GLY C 23 4.77 -4.59 -7.12
N VAL C 24 5.97 -4.26 -7.60
CA VAL C 24 6.15 -3.46 -8.81
C VAL C 24 5.68 -4.20 -10.03
N ALA C 25 6.27 -5.36 -10.27
CA ALA C 25 6.02 -6.13 -11.46
C ALA C 25 5.42 -7.48 -11.11
N ARG C 26 4.56 -7.92 -12.01
N ARG C 26 4.52 -7.96 -11.96
CA ARG C 26 3.92 -9.23 -11.92
CA ARG C 26 3.96 -9.30 -11.81
C ARG C 26 4.92 -10.38 -12.02
C ARG C 26 4.99 -10.42 -11.97
N GLU C 27 5.89 -10.24 -12.92
CA GLU C 27 6.86 -11.27 -13.27
C GLU C 27 8.31 -10.78 -13.17
N VAL C 28 9.18 -11.58 -12.57
CA VAL C 28 10.60 -11.26 -12.55
C VAL C 28 11.44 -12.47 -12.96
N VAL C 29 12.17 -12.31 -14.06
CA VAL C 29 13.01 -13.39 -14.55
C VAL C 29 14.48 -13.14 -14.27
N LEU C 30 15.09 -14.10 -13.57
CA LEU C 30 16.52 -14.05 -13.30
C LEU C 30 17.29 -14.88 -14.31
N VAL C 31 18.29 -14.26 -14.91
CA VAL C 31 19.17 -14.94 -15.85
C VAL C 31 20.64 -14.81 -15.40
N ASP C 32 21.27 -15.93 -15.10
CA ASP C 32 22.68 -15.88 -14.72
C ASP C 32 23.50 -17.03 -15.29
N LEU C 33 24.76 -16.73 -15.61
CA LEU C 33 25.68 -17.73 -16.09
C LEU C 33 25.63 -18.98 -15.20
N ASP C 34 25.58 -18.78 -13.88
CA ASP C 34 25.58 -19.90 -12.96
C ASP C 34 24.12 -20.12 -12.75
N ARG C 35 23.61 -21.16 -13.40
N ARG C 35 23.57 -21.13 -13.42
CA ARG C 35 22.17 -21.42 -13.45
CA ARG C 35 22.14 -21.37 -13.43
C ARG C 35 21.61 -21.71 -12.05
C ARG C 35 21.60 -21.69 -12.03
N LYS C 36 22.37 -22.47 -11.27
CA LYS C 36 21.97 -22.91 -9.93
C LYS C 36 21.82 -21.71 -8.98
N LEU C 37 22.67 -20.72 -9.18
CA LEU C 37 22.62 -19.52 -8.37
C LEU C 37 21.30 -18.79 -8.63
N ALA C 38 21.01 -18.58 -9.90
CA ALA C 38 19.82 -17.84 -10.24
C ALA C 38 18.65 -18.60 -9.64
N GLN C 39 18.63 -19.92 -9.80
CA GLN C 39 17.48 -20.69 -9.34
C GLN C 39 17.32 -20.58 -7.82
N ALA C 40 18.43 -20.59 -7.12
CA ALA C 40 18.38 -20.48 -5.65
C ALA C 40 17.87 -19.12 -5.18
N HIS C 41 18.37 -18.05 -5.80
CA HIS C 41 17.83 -16.74 -5.49
C HIS C 41 16.33 -16.71 -5.81
N ALA C 42 15.96 -17.19 -6.98
CA ALA C 42 14.55 -17.21 -7.35
C ALA C 42 13.73 -17.88 -6.27
N GLU C 43 14.15 -19.05 -5.83
CA GLU C 43 13.30 -19.79 -4.90
C GLU C 43 13.24 -19.19 -3.50
N ASP C 44 14.37 -18.63 -3.08
CA ASP C 44 14.42 -17.93 -1.81
C ASP C 44 13.42 -16.76 -1.86
N ILE C 45 13.41 -15.98 -2.93
CA ILE C 45 12.49 -14.86 -3.05
C ILE C 45 11.02 -15.33 -3.14
N LEU C 46 10.80 -16.33 -3.95
CA LEU C 46 9.51 -16.97 -4.02
C LEU C 46 8.97 -17.30 -2.63
N HIS C 47 9.80 -17.88 -1.76
CA HIS C 47 9.42 -18.06 -0.35
C HIS C 47 8.96 -16.78 0.32
N ALA C 48 9.51 -15.65 -0.07
CA ALA C 48 9.09 -14.44 0.57
C ALA C 48 7.74 -13.95 0.03
N THR C 49 7.45 -14.18 -1.26
CA THR C 49 6.24 -13.58 -1.85
C THR C 49 4.92 -13.69 -1.04
N PRO C 50 4.65 -14.84 -0.44
CA PRO C 50 3.38 -14.92 0.28
C PRO C 50 3.25 -13.90 1.40
N PHE C 51 4.35 -13.31 1.84
CA PHE C 51 4.31 -12.31 2.90
C PHE C 51 4.30 -10.91 2.35
N ALA C 52 4.31 -10.78 1.03
CA ALA C 52 3.98 -9.48 0.43
C ALA C 52 2.98 -9.46 -0.71
N HIS C 53 3.42 -9.89 -1.88
CA HIS C 53 2.67 -9.73 -3.13
C HIS C 53 2.81 -10.92 -4.07
N PRO C 54 1.75 -11.17 -4.81
CA PRO C 54 1.74 -12.24 -5.80
C PRO C 54 2.65 -11.82 -6.92
N VAL C 55 3.95 -12.05 -6.77
CA VAL C 55 4.89 -11.87 -7.85
C VAL C 55 5.50 -13.19 -8.27
N TRP C 56 5.46 -13.48 -9.58
CA TRP C 56 6.04 -14.71 -10.05
C TRP C 56 7.52 -14.47 -10.30
N VAL C 57 8.36 -15.13 -9.51
CA VAL C 57 9.80 -14.93 -9.63
C VAL C 57 10.48 -16.24 -10.00
N TRP C 58 11.19 -16.27 -11.12
CA TRP C 58 11.81 -17.50 -11.55
C TRP C 58 13.11 -17.31 -12.30
N ALA C 59 13.90 -18.38 -12.37
CA ALA C 59 15.16 -18.32 -13.10
C ALA C 59 15.01 -18.97 -14.47
N GLY C 60 15.61 -18.35 -15.49
CA GLY C 60 15.56 -18.93 -16.81
C GLY C 60 16.67 -18.40 -17.69
N SER C 61 16.53 -18.56 -18.99
CA SER C 61 17.62 -18.18 -19.87
C SER C 61 17.20 -16.97 -20.65
N TYR C 62 18.11 -16.46 -21.46
CA TYR C 62 17.84 -15.23 -22.17
C TYR C 62 16.50 -15.25 -22.90
N GLY C 63 16.17 -16.40 -23.50
CA GLY C 63 14.98 -16.51 -24.30
C GLY C 63 13.74 -16.19 -23.48
N ASP C 64 13.85 -16.47 -22.16
CA ASP C 64 12.76 -16.28 -21.19
C ASP C 64 12.53 -14.80 -20.87
N LEU C 65 13.36 -13.94 -21.41
CA LEU C 65 13.19 -12.50 -21.24
C LEU C 65 12.18 -11.91 -22.23
N GLU C 66 11.65 -12.75 -23.11
CA GLU C 66 10.73 -12.25 -24.12
C GLU C 66 9.64 -11.45 -23.45
N GLY C 67 9.38 -10.25 -23.97
CA GLY C 67 8.23 -9.46 -23.52
C GLY C 67 8.46 -8.60 -22.28
N ALA C 68 9.64 -8.66 -21.70
CA ALA C 68 9.93 -7.81 -20.55
C ALA C 68 10.01 -6.35 -20.99
N ARG C 69 9.33 -5.48 -20.26
CA ARG C 69 9.39 -4.04 -20.50
C ARG C 69 10.78 -3.50 -20.25
N ALA C 70 11.41 -3.99 -19.19
CA ALA C 70 12.76 -3.61 -18.85
C ALA C 70 13.60 -4.81 -18.45
N VAL C 71 14.89 -4.75 -18.80
CA VAL C 71 15.86 -5.72 -18.34
C VAL C 71 17.01 -5.00 -17.66
N VAL C 72 17.28 -5.38 -16.42
CA VAL C 72 18.35 -4.77 -15.64
C VAL C 72 19.63 -5.51 -15.97
N LEU C 73 20.70 -4.80 -16.36
CA LEU C 73 21.95 -5.53 -16.54
C LEU C 73 22.80 -5.33 -15.28
N ALA C 74 22.82 -6.36 -14.44
CA ALA C 74 23.62 -6.50 -13.21
C ALA C 74 24.85 -7.39 -13.25
N ALA C 75 25.19 -7.91 -14.40
CA ALA C 75 26.21 -8.91 -14.46
C ALA C 75 27.56 -8.28 -14.22
N GLY C 76 28.58 -9.08 -14.40
CA GLY C 76 29.95 -8.71 -14.10
C GLY C 76 30.72 -9.58 -13.15
N VAL C 77 32.03 -9.47 -13.36
CA VAL C 77 32.99 -10.48 -12.97
C VAL C 77 33.38 -10.35 -11.51
N ALA C 78 33.87 -11.45 -10.95
CA ALA C 78 34.54 -11.43 -9.66
C ALA C 78 35.70 -10.43 -9.72
N GLN C 79 35.75 -9.53 -8.75
CA GLN C 79 36.95 -8.73 -8.57
C GLN C 79 38.18 -9.62 -8.31
N ARG C 80 39.35 -9.13 -8.70
CA ARG C 80 40.62 -9.74 -8.32
C ARG C 80 41.53 -8.70 -7.69
N PRO C 81 41.94 -8.92 -6.45
CA PRO C 81 42.78 -7.97 -5.71
C PRO C 81 44.13 -7.73 -6.36
N GLY C 82 44.53 -6.46 -6.50
CA GLY C 82 45.74 -6.10 -7.20
C GLY C 82 45.52 -5.92 -8.68
N GLU C 83 44.27 -6.01 -9.10
CA GLU C 83 43.92 -5.85 -10.51
C GLU C 83 43.39 -4.44 -10.72
N THR C 84 43.92 -3.76 -11.73
CA THR C 84 43.60 -2.35 -11.90
C THR C 84 42.14 -2.16 -12.30
N ARG C 85 41.63 -0.97 -12.06
CA ARG C 85 40.23 -0.67 -12.35
C ARG C 85 40.04 -0.91 -13.82
N LEU C 86 41.05 -0.57 -14.60
CA LEU C 86 41.05 -0.83 -16.03
C LEU C 86 40.86 -2.29 -16.46
N GLN C 87 41.56 -3.23 -15.86
CA GLN C 87 41.46 -4.61 -16.31
C GLN C 87 40.07 -5.12 -16.00
N LEU C 88 39.56 -4.71 -14.83
CA LEU C 88 38.21 -5.06 -14.42
C LEU C 88 37.20 -4.53 -15.42
N LEU C 89 37.32 -3.26 -15.68
CA LEU C 89 36.52 -2.60 -16.68
C LEU C 89 36.53 -3.41 -17.98
N ASP C 90 37.71 -3.84 -18.43
CA ASP C 90 37.83 -4.63 -19.66
C ASP C 90 36.96 -5.89 -19.53
N ARG C 91 37.12 -6.53 -18.38
CA ARG C 91 36.57 -7.86 -18.16
C ARG C 91 35.07 -7.79 -18.27
N ASN C 92 34.53 -6.72 -17.71
CA ASN C 92 33.12 -6.40 -17.74
C ASN C 92 32.61 -6.00 -19.12
N ALA C 93 33.36 -5.14 -19.79
CA ALA C 93 33.01 -4.73 -21.14
C ALA C 93 32.79 -5.97 -21.99
N GLN C 94 33.62 -6.99 -21.78
CA GLN C 94 33.44 -8.21 -22.54
C GLN C 94 32.19 -8.97 -22.11
N VAL C 95 31.96 -8.99 -20.80
CA VAL C 95 30.69 -9.55 -20.30
C VAL C 95 29.48 -8.94 -21.05
N PHE C 96 29.48 -7.61 -21.15
CA PHE C 96 28.37 -6.88 -21.73
C PHE C 96 28.31 -7.16 -23.22
N ALA C 97 29.47 -7.38 -23.83
CA ALA C 97 29.50 -7.71 -25.24
C ALA C 97 28.84 -9.05 -25.48
N GLN C 98 28.96 -9.96 -24.53
CA GLN C 98 28.18 -11.20 -24.48
C GLN C 98 26.68 -11.04 -24.21
N VAL C 99 26.33 -10.16 -23.26
CA VAL C 99 24.99 -10.11 -22.71
C VAL C 99 24.04 -9.29 -23.59
N VAL C 100 24.46 -8.08 -23.94
CA VAL C 100 23.55 -7.12 -24.59
C VAL C 100 22.84 -7.68 -25.85
N PRO C 101 23.60 -8.16 -26.83
CA PRO C 101 22.90 -8.74 -27.98
C PRO C 101 21.91 -9.82 -27.58
N ARG C 102 22.30 -10.70 -26.65
CA ARG C 102 21.44 -11.80 -26.25
C ARG C 102 20.15 -11.30 -25.61
N VAL C 103 20.25 -10.25 -24.79
CA VAL C 103 19.07 -9.63 -24.20
C VAL C 103 18.15 -9.00 -25.24
N LEU C 104 18.76 -8.30 -26.19
CA LEU C 104 18.04 -7.65 -27.28
C LEU C 104 17.50 -8.63 -28.33
N GLU C 105 18.14 -9.79 -28.42
CA GLU C 105 17.64 -10.86 -29.29
C GLU C 105 16.25 -11.32 -28.84
N ALA C 106 16.12 -11.59 -27.55
CA ALA C 106 14.88 -12.11 -26.97
C ALA C 106 13.84 -11.03 -26.72
N ALA C 107 14.27 -9.84 -26.37
CA ALA C 107 13.37 -8.80 -25.92
C ALA C 107 13.80 -7.52 -26.62
N PRO C 108 13.57 -7.45 -27.92
CA PRO C 108 14.08 -6.32 -28.70
C PRO C 108 13.41 -5.02 -28.31
N GLU C 109 12.25 -5.10 -27.67
CA GLU C 109 11.53 -3.88 -27.30
C GLU C 109 11.94 -3.27 -25.94
N ALA C 110 12.72 -4.00 -25.16
CA ALA C 110 12.98 -3.64 -23.77
C ALA C 110 13.81 -2.39 -23.57
N VAL C 111 13.75 -1.87 -22.35
CA VAL C 111 14.63 -0.80 -21.95
C VAL C 111 15.72 -1.47 -21.16
N LEU C 112 16.97 -1.11 -21.39
CA LEU C 112 18.06 -1.64 -20.60
C LEU C 112 18.39 -0.71 -19.41
N LEU C 113 18.34 -1.26 -18.21
CA LEU C 113 18.72 -0.55 -17.00
C LEU C 113 20.03 -1.12 -16.58
N VAL C 114 21.06 -0.29 -16.60
CA VAL C 114 22.44 -0.69 -16.37
C VAL C 114 22.82 -0.46 -14.92
N ALA C 115 23.05 -1.56 -14.20
CA ALA C 115 23.53 -1.59 -12.82
C ALA C 115 25.04 -1.55 -12.61
N THR C 116 25.73 -2.37 -13.40
CA THR C 116 27.14 -2.72 -13.20
C THR C 116 28.11 -1.54 -13.12
N ASN C 117 28.95 -1.51 -12.09
CA ASN C 117 29.97 -0.46 -11.93
C ASN C 117 31.23 -0.67 -12.76
N PRO C 118 31.88 0.45 -13.15
CA PRO C 118 31.39 1.82 -12.94
C PRO C 118 30.21 2.12 -13.87
N VAL C 119 29.16 2.68 -13.33
CA VAL C 119 27.88 2.64 -14.04
C VAL C 119 27.82 3.51 -15.30
N ASP C 120 28.49 4.67 -15.29
CA ASP C 120 28.42 5.58 -16.45
C ASP C 120 29.06 4.97 -17.68
N VAL C 121 30.28 4.49 -17.48
CA VAL C 121 30.97 3.83 -18.55
C VAL C 121 30.20 2.56 -19.04
N MET C 122 29.74 1.70 -18.13
CA MET C 122 29.06 0.50 -18.57
C MET C 122 27.84 0.91 -19.39
N THR C 123 27.21 1.99 -18.97
CA THR C 123 26.06 2.53 -19.68
C THR C 123 26.45 2.93 -21.11
N GLN C 124 27.62 3.56 -21.25
CA GLN C 124 28.13 3.86 -22.59
C GLN C 124 28.33 2.59 -23.41
N VAL C 125 29.00 1.60 -22.82
CA VAL C 125 29.27 0.34 -23.49
C VAL C 125 28.00 -0.31 -23.97
N ALA C 126 26.98 -0.29 -23.13
CA ALA C 126 25.70 -0.88 -23.48
C ALA C 126 25.03 -0.06 -24.59
N TYR C 127 25.10 1.26 -24.50
CA TYR C 127 24.53 2.08 -25.56
C TYR C 127 25.17 1.75 -26.90
N ALA C 128 26.50 1.68 -26.90
CA ALA C 128 27.28 1.37 -28.08
C ALA C 128 26.88 0.03 -28.65
N LEU C 129 26.90 -0.99 -27.80
CA LEU C 129 26.63 -2.34 -28.26
C LEU C 129 25.19 -2.58 -28.68
N SER C 130 24.27 -1.76 -28.20
CA SER C 130 22.86 -1.98 -28.45
C SER C 130 22.43 -1.50 -29.83
N GLY C 131 22.99 -0.35 -30.25
CA GLY C 131 22.61 0.28 -31.51
C GLY C 131 21.15 0.75 -31.40
N LEU C 132 20.67 0.84 -30.17
CA LEU C 132 19.36 1.40 -29.92
C LEU C 132 19.45 2.91 -29.86
N PRO C 133 18.30 3.60 -29.92
CA PRO C 133 18.30 5.04 -29.59
C PRO C 133 18.79 5.23 -28.16
N PRO C 134 19.47 6.35 -27.90
CA PRO C 134 20.14 6.63 -26.62
C PRO C 134 19.23 6.41 -25.38
N GLY C 135 17.98 6.85 -25.50
CA GLY C 135 17.08 6.86 -24.37
C GLY C 135 16.57 5.50 -23.97
N ARG C 136 16.95 4.48 -24.75
CA ARG C 136 16.56 3.09 -24.48
C ARG C 136 17.55 2.42 -23.52
N VAL C 137 18.67 3.11 -23.29
CA VAL C 137 19.71 2.57 -22.43
C VAL C 137 19.95 3.56 -21.28
N VAL C 138 19.57 3.15 -20.08
CA VAL C 138 19.59 4.06 -18.93
C VAL C 138 20.44 3.44 -17.85
N GLY C 139 21.42 4.18 -17.35
CA GLY C 139 22.17 3.75 -16.17
C GLY C 139 21.56 4.23 -14.87
N SER C 140 21.71 3.43 -13.81
CA SER C 140 21.16 3.81 -12.53
C SER C 140 21.73 5.16 -12.06
N GLY C 141 23.00 5.40 -12.35
CA GLY C 141 23.54 6.73 -12.18
C GLY C 141 23.59 7.20 -10.73
N THR C 142 23.25 8.47 -10.52
CA THR C 142 23.42 9.14 -9.25
C THR C 142 22.19 9.13 -8.32
N ILE C 143 21.15 8.39 -8.69
CA ILE C 143 19.89 8.49 -7.97
C ILE C 143 19.97 8.32 -6.46
N LEU C 144 20.71 7.34 -5.99
CA LEU C 144 20.89 7.13 -4.56
C LEU C 144 21.52 8.36 -3.92
N ASP C 145 22.45 8.95 -4.64
CA ASP C 145 23.20 10.08 -4.13
C ASP C 145 22.32 11.32 -4.11
N THR C 146 21.53 11.49 -5.15
CA THR C 146 20.60 12.62 -5.19
C THR C 146 19.58 12.49 -4.04
N ALA C 147 19.11 11.28 -3.82
CA ALA C 147 18.11 11.07 -2.79
C ALA C 147 18.68 11.31 -1.42
N ARG C 148 19.91 10.85 -1.19
N ARG C 148 19.91 10.86 -1.18
CA ARG C 148 20.64 11.10 0.04
CA ARG C 148 20.58 11.11 0.09
C ARG C 148 20.81 12.59 0.28
C ARG C 148 20.84 12.60 0.31
N PHE C 149 21.18 13.31 -0.76
CA PHE C 149 21.39 14.76 -0.68
C PHE C 149 20.05 15.36 -0.19
N ARG C 150 19.00 15.08 -0.97
CA ARG C 150 17.71 15.61 -0.61
C ARG C 150 17.45 15.29 0.86
N ALA C 151 17.80 14.09 1.29
CA ALA C 151 17.49 13.65 2.66
C ALA C 151 18.19 14.44 3.74
N LEU C 152 19.49 14.63 3.56
CA LEU C 152 20.28 15.37 4.54
C LEU C 152 19.80 16.82 4.59
N LEU C 153 19.49 17.41 3.43
CA LEU C 153 18.96 18.78 3.41
C LEU C 153 17.63 18.83 4.18
N ALA C 154 16.77 17.88 3.87
CA ALA C 154 15.44 17.78 4.45
C ALA C 154 15.59 17.79 5.94
N GLU C 155 16.56 17.01 6.42
CA GLU C 155 16.78 16.81 7.84
C GLU C 155 17.38 18.05 8.50
N TYR C 156 18.24 18.74 7.76
CA TYR C 156 18.77 20.00 8.24
C TYR C 156 17.61 20.99 8.46
N LEU C 157 16.75 21.16 7.45
CA LEU C 157 15.75 22.20 7.47
C LEU C 157 14.48 21.83 8.23
N ARG C 158 14.45 20.62 8.76
CA ARG C 158 13.23 20.10 9.38
C ARG C 158 12.03 20.21 8.44
N VAL C 159 12.13 19.49 7.34
CA VAL C 159 11.13 19.57 6.31
C VAL C 159 11.06 18.22 5.61
N ALA C 160 9.90 17.92 5.05
CA ALA C 160 9.74 16.66 4.35
C ALA C 160 10.64 16.62 3.12
N PRO C 161 11.35 15.51 2.92
CA PRO C 161 12.24 15.32 1.77
C PRO C 161 11.55 15.54 0.43
N GLN C 162 10.24 15.35 0.40
CA GLN C 162 9.45 15.50 -0.80
C GLN C 162 9.49 16.94 -1.30
N SER C 163 9.48 17.86 -0.35
CA SER C 163 9.56 19.29 -0.62
C SER C 163 10.91 19.79 -1.13
N VAL C 164 11.95 19.00 -0.90
CA VAL C 164 13.30 19.39 -1.28
C VAL C 164 13.65 18.94 -2.70
N HIS C 165 14.00 19.92 -3.53
N HIS C 165 13.94 19.89 -3.59
CA HIS C 165 14.41 19.63 -4.88
CA HIS C 165 14.36 19.53 -4.94
C HIS C 165 15.86 19.99 -5.07
C HIS C 165 15.81 19.95 -5.17
N ALA C 166 16.71 18.98 -5.17
CA ALA C 166 18.15 19.21 -5.31
C ALA C 166 18.71 18.03 -6.11
N TYR C 167 19.85 18.25 -6.77
CA TYR C 167 20.40 17.26 -7.68
C TYR C 167 21.84 16.88 -7.41
N VAL C 168 22.20 15.66 -7.80
CA VAL C 168 23.59 15.26 -7.89
C VAL C 168 23.82 14.83 -9.33
N LEU C 169 24.82 15.40 -9.99
CA LEU C 169 24.99 15.16 -11.43
C LEU C 169 26.39 14.67 -11.78
N GLY C 170 26.56 14.17 -13.00
CA GLY C 170 27.86 13.68 -13.45
C GLY C 170 28.20 12.22 -13.20
N GLU C 171 29.47 11.95 -12.97
CA GLU C 171 29.92 10.60 -12.74
C GLU C 171 29.40 10.12 -11.41
N HIS C 172 28.90 8.90 -11.36
CA HIS C 172 28.51 8.34 -10.07
C HIS C 172 29.81 7.86 -9.43
N GLY C 173 30.19 8.51 -8.33
CA GLY C 173 31.55 8.39 -7.83
C GLY C 173 32.07 9.69 -7.20
N ASP C 174 33.39 9.77 -7.06
CA ASP C 174 34.02 10.85 -6.34
C ASP C 174 33.74 12.21 -6.97
N SER C 175 33.73 12.26 -8.29
CA SER C 175 33.68 13.54 -8.99
C SER C 175 32.25 14.08 -9.19
N GLU C 176 31.27 13.41 -8.59
CA GLU C 176 29.89 13.85 -8.70
C GLU C 176 29.73 15.29 -8.22
N VAL C 177 28.76 15.98 -8.82
CA VAL C 177 28.54 17.37 -8.49
C VAL C 177 27.24 17.49 -7.74
N LEU C 178 27.31 18.13 -6.57
CA LEU C 178 26.12 18.45 -5.81
C LEU C 178 25.73 19.84 -6.24
N VAL C 179 24.53 20.02 -6.78
CA VAL C 179 24.21 21.36 -7.21
C VAL C 179 23.50 22.05 -6.06
N TRP C 180 24.25 22.91 -5.38
CA TRP C 180 23.73 23.75 -4.31
C TRP C 180 23.08 25.01 -4.86
N SER C 181 23.60 25.44 -6.01
CA SER C 181 23.17 26.65 -6.68
C SER C 181 21.65 26.76 -6.81
N SER C 182 21.06 25.90 -7.64
CA SER C 182 19.66 26.03 -8.02
C SER C 182 18.75 25.19 -7.14
N ALA C 183 19.34 24.54 -6.15
CA ALA C 183 18.59 23.74 -5.20
C ALA C 183 17.50 24.56 -4.53
N GLN C 184 16.30 24.00 -4.47
CA GLN C 184 15.19 24.64 -3.74
C GLN C 184 14.32 23.75 -2.87
N VAL C 185 13.58 24.40 -2.00
CA VAL C 185 12.67 23.76 -1.10
C VAL C 185 11.34 24.45 -1.31
N GLY C 186 10.30 23.65 -1.55
CA GLY C 186 8.98 24.20 -1.73
C GLY C 186 9.00 25.24 -2.83
N GLY C 187 9.88 25.03 -3.79
CA GLY C 187 9.89 25.85 -4.99
C GLY C 187 10.54 27.20 -4.79
N VAL C 188 11.17 27.37 -3.65
CA VAL C 188 11.94 28.58 -3.41
C VAL C 188 13.38 28.25 -3.04
N PRO C 189 14.31 29.09 -3.49
CA PRO C 189 15.76 28.88 -3.34
C PRO C 189 16.13 28.41 -1.96
N LEU C 190 16.91 27.33 -1.91
CA LEU C 190 17.36 26.69 -0.67
C LEU C 190 17.92 27.66 0.36
N LEU C 191 18.98 28.37 0.00
CA LEU C 191 19.76 29.13 0.97
C LEU C 191 18.95 30.31 1.54
N GLU C 192 18.20 30.96 0.63
CA GLU C 192 17.17 31.92 1.02
C GLU C 192 16.26 31.31 2.06
N PHE C 193 15.55 30.26 1.66
CA PHE C 193 14.64 29.60 2.57
C PHE C 193 15.37 29.05 3.80
N ALA C 194 16.70 29.04 3.76
CA ALA C 194 17.49 28.72 4.94
C ALA C 194 17.34 29.84 5.97
N GLU C 195 17.61 31.09 5.55
CA GLU C 195 17.34 32.23 6.47
C GLU C 195 15.89 32.41 6.85
N ALA C 196 15.06 31.70 6.10
CA ALA C 196 13.61 31.85 6.14
C ALA C 196 13.05 30.85 7.11
N ARG C 197 13.98 30.18 7.79
CA ARG C 197 13.66 29.17 8.80
C ARG C 197 14.36 29.25 10.17
N GLY C 198 15.57 29.79 10.28
CA GLY C 198 16.36 29.51 11.45
C GLY C 198 17.54 28.66 11.09
N ARG C 199 17.78 28.45 9.80
CA ARG C 199 19.10 27.91 9.50
C ARG C 199 19.95 28.22 8.28
N ALA C 200 21.01 28.97 8.45
CA ALA C 200 21.77 29.60 7.39
C ALA C 200 22.89 28.82 6.69
N LEU C 201 22.92 27.50 6.78
CA LEU C 201 23.90 26.70 6.05
C LEU C 201 25.31 27.21 6.00
N SER C 202 26.04 27.08 7.12
CA SER C 202 27.48 27.36 7.13
C SER C 202 28.24 26.45 6.15
N PRO C 203 29.42 26.91 5.69
CA PRO C 203 30.24 26.10 4.80
C PRO C 203 30.65 24.79 5.46
N GLU C 204 30.76 24.77 6.78
CA GLU C 204 31.08 23.50 7.41
C GLU C 204 29.86 22.58 7.46
N ASP C 205 28.66 23.16 7.49
CA ASP C 205 27.42 22.40 7.27
C ASP C 205 27.41 21.81 5.86
N ARG C 206 27.69 22.66 4.88
CA ARG C 206 27.73 22.22 3.50
C ARG C 206 28.68 21.05 3.39
N ALA C 207 29.84 21.20 4.00
CA ALA C 207 30.89 20.19 3.97
C ALA C 207 30.44 18.91 4.66
N ARG C 208 29.73 19.05 5.77
CA ARG C 208 29.24 17.91 6.52
C ARG C 208 28.27 17.10 5.68
N ILE C 209 27.37 17.81 4.99
CA ILE C 209 26.42 17.18 4.09
C ILE C 209 27.11 16.53 2.90
N ASP C 210 28.13 17.21 2.38
CA ASP C 210 28.89 16.71 1.24
C ASP C 210 29.51 15.38 1.59
N GLU C 211 30.15 15.32 2.74
CA GLU C 211 30.74 14.07 3.23
C GLU C 211 29.66 13.02 3.24
N GLY C 212 28.53 13.41 3.82
CA GLY C 212 27.39 12.51 3.95
C GLY C 212 27.01 11.86 2.63
N VAL C 213 27.01 12.64 1.55
CA VAL C 213 26.61 12.12 0.26
C VAL C 213 27.74 11.37 -0.47
N ARG C 214 28.82 12.08 -0.76
CA ARG C 214 29.89 11.60 -1.62
C ARG C 214 30.56 10.33 -1.13
N ARG C 215 30.75 10.22 0.17
CA ARG C 215 31.48 9.07 0.72
C ARG C 215 30.63 7.90 1.23
N ALA C 216 29.31 7.98 1.09
CA ALA C 216 28.47 6.93 1.63
C ALA C 216 28.87 5.54 1.09
N ALA C 217 29.03 5.45 -0.22
CA ALA C 217 29.34 4.19 -0.88
C ALA C 217 30.62 3.58 -0.33
N TYR C 218 31.62 4.45 -0.15
CA TYR C 218 32.88 4.06 0.47
C TYR C 218 32.68 3.41 1.84
N ARG C 219 31.92 4.07 2.72
CA ARG C 219 31.70 3.51 4.06
C ARG C 219 31.00 2.16 3.97
N ILE C 220 29.99 2.09 3.11
CA ILE C 220 29.23 0.85 3.02
C ILE C 220 30.19 -0.26 2.60
N ILE C 221 31.05 0.04 1.63
CA ILE C 221 31.94 -1.00 1.13
C ILE C 221 33.05 -1.38 2.15
N GLU C 222 33.44 -0.43 2.97
CA GLU C 222 34.42 -0.71 4.00
C GLU C 222 33.83 -1.60 5.07
N GLY C 223 32.61 -1.31 5.52
CA GLY C 223 31.97 -2.18 6.48
C GLY C 223 31.54 -3.56 5.98
N LYS C 224 30.70 -3.57 4.95
CA LYS C 224 30.23 -4.84 4.40
C LYS C 224 30.86 -5.38 3.13
N GLY C 225 31.76 -4.62 2.51
CA GLY C 225 32.38 -5.06 1.28
C GLY C 225 31.63 -4.99 -0.05
N ALA C 226 30.41 -4.48 -0.06
CA ALA C 226 29.67 -4.24 -1.30
C ALA C 226 28.38 -3.52 -0.98
N THR C 227 27.83 -2.85 -1.98
CA THR C 227 26.53 -2.21 -1.82
C THR C 227 25.56 -2.96 -2.69
N TYR C 228 24.41 -3.29 -2.14
CA TYR C 228 23.31 -3.87 -2.89
C TYR C 228 21.94 -3.21 -2.62
N TYR C 229 21.53 -3.23 -1.35
CA TYR C 229 20.19 -2.82 -0.93
C TYR C 229 19.70 -1.48 -1.51
N GLY C 230 20.51 -0.46 -1.37
CA GLY C 230 20.07 0.84 -1.83
C GLY C 230 19.79 0.80 -3.33
N ILE C 231 20.77 0.40 -4.12
CA ILE C 231 20.57 0.32 -5.56
C ILE C 231 19.51 -0.68 -5.94
N GLY C 232 19.35 -1.75 -5.15
CA GLY C 232 18.23 -2.66 -5.37
C GLY C 232 16.92 -1.87 -5.41
N ALA C 233 16.67 -1.09 -4.36
CA ALA C 233 15.43 -0.32 -4.34
C ALA C 233 15.36 0.80 -5.38
N GLY C 234 16.49 1.43 -5.68
CA GLY C 234 16.48 2.47 -6.70
C GLY C 234 16.09 1.89 -8.05
N LEU C 235 16.82 0.84 -8.44
CA LEU C 235 16.50 0.08 -9.65
C LEU C 235 15.05 -0.26 -9.67
N ALA C 236 14.53 -0.77 -8.55
CA ALA C 236 13.08 -1.05 -8.47
C ALA C 236 12.24 0.17 -8.81
N ARG C 237 12.59 1.32 -8.26
CA ARG C 237 11.77 2.50 -8.48
C ARG C 237 11.81 2.91 -9.94
N LEU C 238 12.97 2.74 -10.59
CA LEU C 238 13.15 3.10 -12.01
C LEU C 238 12.37 2.16 -12.90
N VAL C 239 12.36 0.90 -12.52
CA VAL C 239 11.62 -0.08 -13.22
C VAL C 239 10.15 0.32 -13.14
N ARG C 240 9.71 0.76 -11.96
CA ARG C 240 8.31 1.13 -11.80
C ARG C 240 7.96 2.33 -12.65
N ALA C 241 8.89 3.29 -12.73
CA ALA C 241 8.76 4.42 -13.64
C ALA C 241 8.54 3.93 -15.07
N ILE C 242 9.41 3.06 -15.54
CA ILE C 242 9.30 2.57 -16.91
C ILE C 242 7.98 1.81 -17.16
N LEU C 243 7.62 0.88 -16.28
CA LEU C 243 6.38 0.12 -16.48
C LEU C 243 5.06 0.92 -16.34
N THR C 244 5.05 1.97 -15.51
CA THR C 244 3.84 2.78 -15.36
C THR C 244 3.81 3.99 -16.28
N ASP C 245 4.83 4.10 -17.15
CA ASP C 245 4.97 5.25 -18.02
C ASP C 245 4.79 6.52 -17.21
N GLU C 246 5.54 6.58 -16.12
CA GLU C 246 5.46 7.65 -15.16
C GLU C 246 5.84 9.03 -15.69
N LYS C 247 6.77 9.05 -16.65
CA LYS C 247 7.34 10.32 -17.10
C LYS C 247 7.78 11.19 -15.90
N GLY C 248 8.43 10.55 -14.92
CA GLY C 248 8.92 11.27 -13.75
C GLY C 248 10.38 11.68 -13.87
N VAL C 249 10.85 12.58 -13.02
CA VAL C 249 12.25 13.04 -13.15
C VAL C 249 13.25 12.36 -12.19
N TYR C 250 14.27 11.75 -12.81
CA TYR C 250 15.32 11.03 -12.06
C TYR C 250 16.69 11.39 -12.61
N THR C 251 17.70 11.42 -11.76
CA THR C 251 19.00 11.77 -12.30
C THR C 251 19.60 10.43 -12.64
N VAL C 252 19.66 10.15 -13.94
CA VAL C 252 20.18 8.87 -14.38
C VAL C 252 21.18 9.08 -15.47
N SER C 253 21.93 8.01 -15.69
CA SER C 253 23.00 8.07 -16.64
C SER C 253 22.50 7.66 -18.00
N ALA C 254 22.81 8.50 -18.98
CA ALA C 254 22.49 8.13 -20.35
C ALA C 254 23.44 8.83 -21.30
N PHE C 255 23.50 8.33 -22.53
CA PHE C 255 24.35 8.93 -23.54
C PHE C 255 23.82 10.32 -23.83
N THR C 256 24.68 11.30 -23.65
CA THR C 256 24.31 12.68 -23.89
C THR C 256 25.17 13.31 -24.98
N PRO C 257 24.55 13.79 -26.06
CA PRO C 257 25.29 14.34 -27.20
C PRO C 257 26.31 15.42 -26.79
N GLU C 258 25.87 16.35 -25.96
CA GLU C 258 26.81 17.31 -25.38
C GLU C 258 26.42 17.76 -23.98
N VAL C 259 27.38 17.77 -23.05
CA VAL C 259 27.15 18.32 -21.72
C VAL C 259 28.30 19.21 -21.31
N ALA C 260 27.99 20.45 -20.95
CA ALA C 260 29.00 21.36 -20.40
C ALA C 260 30.26 21.35 -21.26
N GLY C 261 30.08 21.37 -22.58
CA GLY C 261 31.21 21.47 -23.49
C GLY C 261 31.80 20.15 -23.95
N VAL C 262 31.59 19.07 -23.20
CA VAL C 262 32.10 17.77 -23.60
C VAL C 262 31.12 17.04 -24.51
N LEU C 263 31.64 16.31 -25.50
CA LEU C 263 30.81 15.69 -26.53
C LEU C 263 30.65 14.18 -26.37
N GLU C 264 29.48 13.67 -26.71
CA GLU C 264 29.20 12.23 -26.66
C GLU C 264 29.75 11.47 -25.45
N VAL C 265 29.16 11.73 -24.28
CA VAL C 265 29.54 11.07 -23.04
C VAL C 265 28.29 10.58 -22.30
N SER C 266 28.43 9.52 -21.53
CA SER C 266 27.33 9.08 -20.66
C SER C 266 27.55 9.47 -19.21
N LEU C 267 26.55 10.17 -18.67
CA LEU C 267 26.58 10.57 -17.29
C LEU C 267 25.17 10.90 -16.79
N SER C 268 25.08 11.29 -15.53
CA SER C 268 23.81 11.52 -14.89
C SER C 268 23.34 12.96 -15.03
N LEU C 269 22.16 13.11 -15.63
CA LEU C 269 21.46 14.39 -15.63
C LEU C 269 19.99 14.18 -15.32
N PRO C 270 19.30 15.24 -14.90
CA PRO C 270 17.90 14.93 -14.61
C PRO C 270 17.20 14.61 -15.92
N ARG C 271 16.53 13.47 -15.97
CA ARG C 271 15.89 13.02 -17.18
C ARG C 271 14.49 12.49 -16.89
N ILE C 272 13.60 12.59 -17.88
CA ILE C 272 12.22 12.21 -17.75
C ILE C 272 12.08 10.77 -18.18
N LEU C 273 11.68 9.93 -17.22
CA LEU C 273 11.68 8.50 -17.41
C LEU C 273 10.27 7.97 -17.51
N GLY C 274 10.10 7.05 -18.45
CA GLY C 274 8.80 6.56 -18.87
C GLY C 274 8.94 5.28 -19.67
N ALA C 275 7.88 4.92 -20.36
CA ALA C 275 7.81 3.61 -20.99
C ALA C 275 8.87 3.31 -22.10
N GLY C 276 9.37 4.34 -22.76
CA GLY C 276 10.32 4.06 -23.82
C GLY C 276 11.73 4.34 -23.37
N GLY C 277 11.89 4.44 -22.05
CA GLY C 277 13.13 4.90 -21.47
C GLY C 277 13.09 6.39 -21.23
N VAL C 278 14.24 7.05 -21.25
CA VAL C 278 14.26 8.50 -21.08
C VAL C 278 13.73 9.21 -22.31
N ALA C 279 13.05 10.34 -22.07
CA ALA C 279 12.20 10.98 -23.07
C ALA C 279 12.39 12.47 -23.02
N GLY C 280 13.51 12.92 -22.46
CA GLY C 280 13.72 14.34 -22.30
C GLY C 280 14.61 14.68 -21.15
N THR C 281 15.30 15.80 -21.28
CA THR C 281 16.29 16.16 -20.30
C THR C 281 15.95 17.52 -19.70
N VAL C 282 16.21 17.65 -18.39
CA VAL C 282 15.96 18.89 -17.66
C VAL C 282 17.26 19.53 -17.23
N TYR C 283 17.45 20.78 -17.61
CA TYR C 283 18.69 21.47 -17.30
C TYR C 283 18.50 22.47 -16.18
N PRO C 284 19.00 22.13 -14.99
CA PRO C 284 18.97 23.02 -13.84
C PRO C 284 20.07 24.07 -14.00
N SER C 285 19.91 25.22 -13.34
CA SER C 285 20.93 26.24 -13.42
C SER C 285 22.17 25.76 -12.69
N LEU C 286 23.32 25.93 -13.31
CA LEU C 286 24.56 25.62 -12.62
C LEU C 286 25.35 26.87 -12.35
N SER C 287 26.01 26.92 -11.20
CA SER C 287 26.99 27.96 -10.94
C SER C 287 28.22 27.63 -11.76
N PRO C 288 29.08 28.65 -12.02
CA PRO C 288 30.33 28.46 -12.74
C PRO C 288 31.21 27.36 -12.14
N GLU C 289 31.30 27.30 -10.82
CA GLU C 289 32.08 26.22 -10.20
C GLU C 289 31.48 24.86 -10.50
N GLU C 290 30.16 24.77 -10.34
CA GLU C 290 29.45 23.52 -10.55
C GLU C 290 29.60 23.08 -11.99
N ARG C 291 29.43 24.03 -12.90
CA ARG C 291 29.56 23.75 -14.31
C ARG C 291 30.97 23.27 -14.60
N ALA C 292 31.96 23.87 -13.96
CA ALA C 292 33.34 23.50 -14.20
C ALA C 292 33.57 22.06 -13.77
N ALA C 293 33.08 21.75 -12.56
CA ALA C 293 33.22 20.44 -11.97
C ALA C 293 32.54 19.37 -12.83
N LEU C 294 31.33 19.70 -13.30
CA LEU C 294 30.61 18.84 -14.22
C LEU C 294 31.47 18.59 -15.45
N ARG C 295 32.05 19.65 -16.00
CA ARG C 295 32.87 19.54 -17.21
C ARG C 295 34.05 18.60 -16.99
N ARG C 296 34.69 18.75 -15.83
CA ARG C 296 35.78 17.87 -15.44
C ARG C 296 35.29 16.41 -15.40
N SER C 297 34.23 16.16 -14.63
CA SER C 297 33.66 14.82 -14.49
C SER C 297 33.45 14.18 -15.87
N ALA C 298 32.75 14.92 -16.75
CA ALA C 298 32.47 14.47 -18.12
C ALA C 298 33.76 14.15 -18.87
N GLU C 299 34.74 15.06 -18.81
CA GLU C 299 36.02 14.85 -19.48
C GLU C 299 36.57 13.48 -19.10
N ILE C 300 36.66 13.24 -17.80
CA ILE C 300 37.29 12.03 -17.31
C ILE C 300 36.49 10.77 -17.68
N LEU C 301 35.16 10.84 -17.57
CA LEU C 301 34.32 9.74 -18.06
C LEU C 301 34.60 9.44 -19.54
N LYS C 302 34.77 10.50 -20.31
CA LYS C 302 34.96 10.40 -21.75
C LYS C 302 36.31 9.77 -22.10
N GLU C 303 37.36 10.14 -21.35
CA GLU C 303 38.69 9.55 -21.58
C GLU C 303 38.66 8.11 -21.15
N ALA C 304 37.93 7.80 -20.07
CA ALA C 304 37.75 6.40 -19.69
C ALA C 304 37.20 5.67 -20.89
N ALA C 305 36.09 6.20 -21.42
CA ALA C 305 35.42 5.56 -22.55
C ALA C 305 36.45 5.32 -23.64
N PHE C 306 37.19 6.36 -23.97
CA PHE C 306 38.12 6.27 -25.08
C PHE C 306 39.20 5.22 -24.87
N ALA C 307 39.78 5.19 -23.67
CA ALA C 307 40.80 4.23 -23.28
C ALA C 307 40.30 2.81 -23.50
N LEU C 308 39.00 2.61 -23.32
CA LEU C 308 38.42 1.29 -23.47
C LEU C 308 38.07 1.00 -24.93
N GLY C 309 38.12 2.03 -25.77
CA GLY C 309 37.68 1.91 -27.15
C GLY C 309 36.22 2.28 -27.41
N PHE C 310 35.63 3.09 -26.52
CA PHE C 310 34.25 3.55 -26.73
C PHE C 310 34.18 5.08 -26.68
N MET D 1 6.29 1.84 15.33
CA MET D 1 7.20 1.90 16.46
C MET D 1 8.48 1.13 16.13
N LYS D 2 9.17 0.63 17.17
CA LYS D 2 10.60 0.28 17.05
C LYS D 2 10.92 -1.21 17.14
N VAL D 3 11.85 -1.66 16.28
CA VAL D 3 12.25 -3.07 16.21
C VAL D 3 13.77 -3.24 16.31
N GLY D 4 14.23 -4.11 17.22
CA GLY D 4 15.63 -4.50 17.24
C GLY D 4 15.95 -5.73 16.42
N ILE D 5 17.16 -5.79 15.86
CA ILE D 5 17.72 -6.99 15.22
C ILE D 5 19.14 -7.20 15.73
N VAL D 6 19.36 -8.31 16.43
CA VAL D 6 20.70 -8.72 16.86
C VAL D 6 21.28 -9.85 16.01
N GLY D 7 22.42 -9.51 15.47
CA GLY D 7 23.20 -10.17 14.43
C GLY D 7 22.81 -9.63 13.07
N SER D 8 23.86 -9.16 12.44
CA SER D 8 23.80 -8.31 11.26
C SER D 8 24.10 -8.99 9.95
N GLY D 9 24.18 -10.30 9.96
CA GLY D 9 24.59 -11.04 8.79
C GLY D 9 23.46 -11.12 7.77
N MET D 10 23.56 -12.08 6.86
CA MET D 10 22.59 -12.13 5.77
C MET D 10 21.13 -12.18 6.23
N VAL D 11 20.81 -13.05 7.18
CA VAL D 11 19.43 -13.09 7.69
C VAL D 11 18.98 -11.79 8.40
N GLY D 12 19.78 -11.31 9.34
CA GLY D 12 19.48 -10.04 9.98
C GLY D 12 19.32 -8.91 8.96
N SER D 13 20.26 -8.81 8.03
CA SER D 13 20.21 -7.65 7.19
C SER D 13 19.00 -7.75 6.27
N ALA D 14 18.69 -8.98 5.84
CA ALA D 14 17.57 -9.16 4.94
C ALA D 14 16.27 -8.85 5.65
N THR D 15 16.18 -9.26 6.91
CA THR D 15 15.03 -8.89 7.71
C THR D 15 14.88 -7.37 7.82
N ALA D 16 15.97 -6.68 8.16
CA ALA D 16 15.87 -5.23 8.23
C ALA D 16 15.33 -4.68 6.90
N TYR D 17 15.92 -5.12 5.79
CA TYR D 17 15.54 -4.63 4.45
C TYR D 17 14.04 -4.82 4.23
N ALA D 18 13.53 -5.98 4.60
CA ALA D 18 12.13 -6.27 4.37
C ALA D 18 11.24 -5.37 5.21
N LEU D 19 11.59 -5.25 6.50
CA LEU D 19 10.93 -4.31 7.39
C LEU D 19 10.83 -2.95 6.73
N ALA D 20 11.90 -2.58 6.07
CA ALA D 20 12.02 -1.23 5.56
C ALA D 20 11.25 -1.03 4.27
N LEU D 21 11.27 -2.01 3.40
CA LEU D 21 10.59 -1.90 2.13
C LEU D 21 9.06 -2.02 2.32
N LEU D 22 8.66 -2.81 3.31
CA LEU D 22 7.24 -3.00 3.60
C LEU D 22 6.64 -1.92 4.47
N GLY D 23 7.49 -1.15 5.12
CA GLY D 23 7.04 -0.04 5.92
C GLY D 23 6.41 -0.48 7.21
N VAL D 24 6.86 -1.63 7.69
CA VAL D 24 6.34 -2.20 8.93
C VAL D 24 6.59 -1.33 10.16
N ALA D 25 7.86 -1.07 10.44
CA ALA D 25 8.17 -0.35 11.65
C ALA D 25 8.55 1.06 11.31
N ARG D 26 8.47 1.93 12.30
CA ARG D 26 9.07 3.25 12.26
C ARG D 26 10.60 3.24 12.29
N GLU D 27 11.16 2.32 13.08
CA GLU D 27 12.56 2.36 13.44
C GLU D 27 13.16 0.95 13.51
N VAL D 28 14.35 0.77 12.95
CA VAL D 28 15.01 -0.51 12.98
C VAL D 28 16.45 -0.33 13.46
N VAL D 29 16.78 -1.02 14.55
CA VAL D 29 18.13 -0.96 15.14
C VAL D 29 18.89 -2.25 14.94
N LEU D 30 20.03 -2.13 14.28
CA LEU D 30 20.91 -3.26 14.05
C LEU D 30 22.03 -3.27 15.09
N VAL D 31 22.21 -4.43 15.69
CA VAL D 31 23.24 -4.63 16.68
C VAL D 31 24.07 -5.83 16.25
N ASP D 32 25.36 -5.61 16.05
CA ASP D 32 26.25 -6.72 15.72
C ASP D 32 27.64 -6.62 16.40
N LEU D 33 28.19 -7.77 16.74
CA LEU D 33 29.55 -7.85 17.23
C LEU D 33 30.50 -7.06 16.37
N ASP D 34 30.35 -7.17 15.05
CA ASP D 34 31.20 -6.43 14.13
C ASP D 34 30.45 -5.14 13.86
N ARG D 35 30.94 -4.02 14.42
CA ARG D 35 30.17 -2.78 14.43
C ARG D 35 30.10 -2.20 13.03
N LYS D 36 31.21 -2.31 12.32
CA LYS D 36 31.32 -1.75 10.98
C LYS D 36 30.33 -2.42 10.05
N LEU D 37 30.13 -3.72 10.24
CA LEU D 37 29.21 -4.46 9.41
C LEU D 37 27.79 -3.95 9.60
N ALA D 38 27.38 -3.84 10.85
CA ALA D 38 26.04 -3.32 11.16
C ALA D 38 25.90 -1.95 10.57
N GLN D 39 26.86 -1.06 10.83
CA GLN D 39 26.78 0.27 10.25
C GLN D 39 26.65 0.28 8.73
N ALA D 40 27.42 -0.56 8.04
CA ALA D 40 27.36 -0.65 6.57
C ALA D 40 26.00 -1.14 6.07
N HIS D 41 25.51 -2.25 6.60
CA HIS D 41 24.14 -2.66 6.33
C HIS D 41 23.11 -1.53 6.59
N ALA D 42 23.24 -0.90 7.74
CA ALA D 42 22.34 0.18 8.07
C ALA D 42 22.34 1.22 6.96
N GLU D 43 23.51 1.66 6.54
CA GLU D 43 23.52 2.79 5.60
C GLU D 43 23.09 2.39 4.22
N ASP D 44 23.44 1.16 3.86
CA ASP D 44 23.00 0.63 2.58
C ASP D 44 21.46 0.70 2.56
N ILE D 45 20.84 0.19 3.61
CA ILE D 45 19.38 0.17 3.65
C ILE D 45 18.78 1.59 3.68
N LEU D 46 19.41 2.44 4.48
CA LEU D 46 19.04 3.83 4.55
C LEU D 46 18.96 4.42 3.16
N HIS D 47 19.95 4.12 2.32
CA HIS D 47 19.93 4.54 0.91
C HIS D 47 18.66 4.10 0.19
N ALA D 48 18.14 2.95 0.55
CA ALA D 48 16.97 2.48 -0.13
C ALA D 48 15.71 3.20 0.35
N THR D 49 15.69 3.60 1.63
CA THR D 49 14.40 4.10 2.15
C THR D 49 13.67 5.14 1.29
N PRO D 50 14.42 6.10 0.69
CA PRO D 50 13.70 7.12 -0.08
C PRO D 50 12.88 6.55 -1.22
N PHE D 51 13.14 5.30 -1.59
CA PHE D 51 12.38 4.66 -2.66
C PHE D 51 11.30 3.76 -2.17
N ALA D 52 11.17 3.70 -0.84
CA ALA D 52 9.96 3.08 -0.29
C ALA D 52 9.24 3.86 0.82
N HIS D 53 9.82 3.86 2.01
CA HIS D 53 9.15 4.38 3.20
C HIS D 53 10.12 5.08 4.15
N PRO D 54 9.61 6.07 4.88
CA PRO D 54 10.36 6.80 5.90
C PRO D 54 10.57 5.87 7.08
N VAL D 55 11.61 5.05 6.99
CA VAL D 55 11.99 4.18 8.10
C VAL D 55 13.39 4.57 8.54
N TRP D 56 13.56 4.76 9.85
CA TRP D 56 14.85 5.12 10.37
C TRP D 56 15.60 3.84 10.70
N VAL D 57 16.66 3.56 9.93
CA VAL D 57 17.45 2.33 10.09
C VAL D 57 18.86 2.68 10.50
N TRP D 58 19.29 2.17 11.64
CA TRP D 58 20.62 2.56 12.14
C TRP D 58 21.29 1.46 12.98
N ALA D 59 22.61 1.55 13.13
CA ALA D 59 23.32 0.54 13.88
C ALA D 59 23.72 1.11 15.23
N GLY D 60 23.58 0.30 16.26
CA GLY D 60 23.90 0.72 17.60
C GLY D 60 24.24 -0.45 18.49
N SER D 61 24.25 -0.21 19.79
CA SER D 61 24.56 -1.27 20.73
C SER D 61 23.30 -1.74 21.44
N TYR D 62 23.46 -2.75 22.27
CA TYR D 62 22.32 -3.31 22.96
C TYR D 62 21.46 -2.27 23.65
N GLY D 63 22.11 -1.26 24.21
CA GLY D 63 21.40 -0.24 24.96
C GLY D 63 20.40 0.48 24.10
N ASP D 64 20.72 0.55 22.81
CA ASP D 64 19.91 1.22 21.82
C ASP D 64 18.63 0.46 21.48
N LEU D 65 18.51 -0.75 22.03
CA LEU D 65 17.32 -1.56 21.82
C LEU D 65 16.18 -1.15 22.73
N GLU D 66 16.40 -0.15 23.57
CA GLU D 66 15.39 0.21 24.55
C GLU D 66 14.10 0.56 23.84
N GLY D 67 13.00 -0.02 24.31
CA GLY D 67 11.68 0.31 23.81
C GLY D 67 11.25 -0.40 22.56
N ALA D 68 12.12 -1.23 22.02
CA ALA D 68 11.73 -2.06 20.91
C ALA D 68 10.71 -3.08 21.40
N ARG D 69 9.59 -3.14 20.68
CA ARG D 69 8.53 -4.10 20.93
C ARG D 69 8.98 -5.52 20.66
N ALA D 70 9.78 -5.68 19.61
CA ALA D 70 10.30 -6.97 19.23
C ALA D 70 11.78 -6.86 18.90
N VAL D 71 12.53 -7.87 19.27
CA VAL D 71 13.92 -7.98 18.86
C VAL D 71 14.09 -9.34 18.23
N VAL D 72 14.57 -9.33 16.99
CA VAL D 72 14.88 -10.55 16.24
C VAL D 72 16.28 -10.99 16.63
N LEU D 73 16.45 -12.25 17.05
CA LEU D 73 17.80 -12.74 17.31
C LEU D 73 18.18 -13.55 16.07
N ALA D 74 19.01 -12.93 15.23
CA ALA D 74 19.69 -13.50 14.05
C ALA D 74 21.18 -13.87 14.19
N ALA D 75 21.72 -13.73 15.38
CA ALA D 75 23.16 -13.90 15.57
C ALA D 75 23.57 -15.35 15.38
N GLY D 76 24.87 -15.55 15.14
CA GLY D 76 25.42 -16.88 15.12
C GLY D 76 26.79 -16.89 14.49
N VAL D 77 27.51 -17.98 14.76
CA VAL D 77 28.90 -18.14 14.37
C VAL D 77 29.14 -18.57 12.95
N ALA D 78 30.35 -18.28 12.47
CA ALA D 78 30.78 -18.80 11.19
C ALA D 78 30.76 -20.30 11.25
N GLN D 79 30.15 -20.94 10.26
CA GLN D 79 30.23 -22.39 10.19
C GLN D 79 31.67 -22.76 9.86
N ARG D 80 32.17 -23.84 10.44
CA ARG D 80 33.57 -24.23 10.22
C ARG D 80 33.77 -25.68 9.80
N PRO D 81 34.60 -25.85 8.78
CA PRO D 81 34.87 -27.14 8.13
C PRO D 81 34.86 -28.45 8.93
N GLY D 82 34.03 -29.40 8.50
CA GLY D 82 33.99 -30.71 9.13
C GLY D 82 33.70 -30.63 10.62
N GLU D 83 32.91 -29.64 10.99
CA GLU D 83 32.50 -29.46 12.36
C GLU D 83 31.09 -30.02 12.46
N THR D 84 30.85 -30.78 13.52
CA THR D 84 29.55 -31.45 13.63
C THR D 84 28.43 -30.46 13.93
N ARG D 85 27.21 -30.80 13.52
CA ARG D 85 26.05 -29.96 13.79
C ARG D 85 26.03 -29.64 15.30
N LEU D 86 26.55 -30.57 16.08
CA LEU D 86 26.62 -30.42 17.53
C LEU D 86 27.56 -29.33 18.03
N GLN D 87 28.76 -29.30 17.50
CA GLN D 87 29.70 -28.28 17.95
C GLN D 87 29.22 -26.89 17.57
N LEU D 88 28.68 -26.78 16.36
CA LEU D 88 28.09 -25.54 15.90
C LEU D 88 27.00 -25.12 16.88
N LEU D 89 26.08 -26.05 17.13
CA LEU D 89 24.98 -25.82 18.02
C LEU D 89 25.52 -25.28 19.34
N ASP D 90 26.59 -25.90 19.83
CA ASP D 90 27.19 -25.48 21.09
C ASP D 90 27.64 -24.00 21.03
N ARG D 91 28.44 -23.66 20.03
CA ARG D 91 28.97 -22.32 19.94
C ARG D 91 27.85 -21.30 19.84
N ASN D 92 26.82 -21.62 19.07
CA ASN D 92 25.63 -20.76 19.01
C ASN D 92 24.90 -20.62 20.34
N ALA D 93 24.78 -21.72 21.06
CA ALA D 93 24.14 -21.71 22.37
C ALA D 93 24.86 -20.71 23.25
N GLN D 94 26.19 -20.67 23.11
CA GLN D 94 26.96 -19.72 23.92
C GLN D 94 26.78 -18.28 23.40
N VAL D 95 26.67 -18.11 22.08
CA VAL D 95 26.35 -16.79 21.55
C VAL D 95 25.08 -16.27 22.21
N PHE D 96 24.04 -17.12 22.24
CA PHE D 96 22.75 -16.73 22.79
C PHE D 96 22.81 -16.48 24.28
N ALA D 97 23.68 -17.23 24.96
CA ALA D 97 23.91 -17.00 26.38
C ALA D 97 24.50 -15.62 26.60
N GLN D 98 25.28 -15.12 25.65
CA GLN D 98 25.69 -13.71 25.69
C GLN D 98 24.51 -12.78 25.41
N VAL D 99 23.84 -13.05 24.29
CA VAL D 99 22.95 -12.07 23.68
C VAL D 99 21.68 -11.86 24.50
N VAL D 100 21.02 -12.96 24.87
CA VAL D 100 19.71 -12.87 25.49
C VAL D 100 19.63 -11.90 26.70
N PRO D 101 20.44 -12.15 27.74
CA PRO D 101 20.40 -11.25 28.89
C PRO D 101 20.64 -9.78 28.51
N ARG D 102 21.55 -9.54 27.58
CA ARG D 102 21.87 -8.19 27.12
C ARG D 102 20.69 -7.51 26.42
N VAL D 103 19.94 -8.28 25.64
CA VAL D 103 18.77 -7.76 24.96
C VAL D 103 17.71 -7.44 26.00
N LEU D 104 17.50 -8.37 26.92
CA LEU D 104 16.47 -8.23 27.94
C LEU D 104 16.82 -7.18 29.00
N GLU D 105 18.11 -6.94 29.20
CA GLU D 105 18.53 -5.85 30.05
C GLU D 105 18.00 -4.51 29.51
N ALA D 106 18.20 -4.28 28.22
CA ALA D 106 17.83 -2.99 27.58
C ALA D 106 16.34 -2.88 27.26
N ALA D 107 15.74 -3.99 26.89
CA ALA D 107 14.39 -3.97 26.41
C ALA D 107 13.65 -5.10 27.10
N PRO D 108 13.44 -4.96 28.41
CA PRO D 108 12.90 -6.07 29.19
C PRO D 108 11.49 -6.35 28.73
N GLU D 109 11.18 -5.48 27.77
N GLU D 109 10.85 -5.44 28.01
CA GLU D 109 9.90 -4.99 27.39
CA GLU D 109 9.45 -5.77 27.72
C GLU D 109 9.65 -5.46 25.96
C GLU D 109 9.26 -6.46 26.36
N ALA D 110 10.32 -6.55 25.59
CA ALA D 110 10.26 -7.04 24.22
C ALA D 110 9.85 -8.50 24.03
N VAL D 111 9.44 -8.82 22.81
CA VAL D 111 9.24 -10.19 22.39
C VAL D 111 10.50 -10.59 21.65
N LEU D 112 11.02 -11.78 21.95
CA LEU D 112 12.17 -12.26 21.18
C LEU D 112 11.72 -13.13 19.99
N LEU D 113 12.15 -12.76 18.80
CA LEU D 113 11.88 -13.53 17.62
C LEU D 113 13.19 -14.17 17.25
N VAL D 114 13.23 -15.50 17.35
CA VAL D 114 14.43 -16.27 17.11
C VAL D 114 14.46 -16.73 15.65
N ALA D 115 15.58 -16.41 15.01
CA ALA D 115 15.92 -16.67 13.60
C ALA D 115 16.85 -17.87 13.49
N THR D 116 17.95 -17.77 14.21
CA THR D 116 19.14 -18.62 14.06
C THR D 116 18.85 -20.11 14.02
N ASN D 117 19.42 -20.79 13.02
CA ASN D 117 19.29 -22.26 12.93
C ASN D 117 20.22 -23.09 13.82
N PRO D 118 19.76 -24.30 14.17
CA PRO D 118 18.40 -24.81 13.94
C PRO D 118 17.40 -24.09 14.85
N VAL D 119 16.27 -23.69 14.27
CA VAL D 119 15.45 -22.68 14.92
C VAL D 119 14.70 -23.17 16.17
N ASP D 120 14.26 -24.43 16.17
CA ASP D 120 13.45 -24.88 17.29
C ASP D 120 14.28 -24.95 18.57
N VAL D 121 15.47 -25.54 18.42
CA VAL D 121 16.39 -25.67 19.51
C VAL D 121 16.81 -24.30 20.02
N MET D 122 17.20 -23.42 19.09
CA MET D 122 17.65 -22.09 19.49
C MET D 122 16.53 -21.38 20.27
N THR D 123 15.30 -21.58 19.80
CA THR D 123 14.14 -21.08 20.50
C THR D 123 14.06 -21.63 21.92
N GLN D 124 14.35 -22.92 22.08
CA GLN D 124 14.38 -23.51 23.42
C GLN D 124 15.42 -22.82 24.28
N VAL D 125 16.63 -22.71 23.75
CA VAL D 125 17.72 -22.08 24.48
C VAL D 125 17.37 -20.65 24.94
N ALA D 126 16.69 -19.89 24.08
CA ALA D 126 16.35 -18.53 24.40
C ALA D 126 15.24 -18.50 25.44
N TYR D 127 14.26 -19.37 25.28
CA TYR D 127 13.22 -19.47 26.30
C TYR D 127 13.84 -19.74 27.66
N ALA D 128 14.77 -20.69 27.68
CA ALA D 128 15.40 -21.13 28.91
C ALA D 128 16.19 -20.02 29.57
N LEU D 129 16.99 -19.33 28.76
CA LEU D 129 17.86 -18.24 29.24
C LEU D 129 17.10 -16.95 29.61
N SER D 130 15.90 -16.78 29.06
CA SER D 130 15.16 -15.54 29.23
C SER D 130 14.47 -15.49 30.59
N GLY D 131 13.97 -16.64 31.03
CA GLY D 131 13.18 -16.70 32.26
C GLY D 131 11.88 -15.93 32.09
N LEU D 132 11.53 -15.65 30.84
CA LEU D 132 10.27 -15.01 30.49
C LEU D 132 9.22 -16.08 30.40
N PRO D 133 7.93 -15.66 30.38
CA PRO D 133 6.84 -16.58 30.03
C PRO D 133 7.07 -17.12 28.63
N PRO D 134 6.70 -18.40 28.37
CA PRO D 134 6.96 -19.10 27.10
C PRO D 134 6.55 -18.30 25.86
N GLY D 135 5.44 -17.59 25.93
CA GLY D 135 4.88 -16.90 24.79
C GLY D 135 5.59 -15.62 24.40
N ARG D 136 6.55 -15.17 25.20
N ARG D 136 6.56 -15.18 25.19
CA ARG D 136 7.34 -13.98 24.85
CA ARG D 136 7.35 -13.99 24.87
C ARG D 136 8.54 -14.36 23.98
C ARG D 136 8.52 -14.37 23.96
N VAL D 137 8.77 -15.68 23.83
CA VAL D 137 9.86 -16.17 23.01
C VAL D 137 9.32 -17.03 21.86
N VAL D 138 9.43 -16.50 20.65
CA VAL D 138 8.84 -17.12 19.45
C VAL D 138 9.92 -17.40 18.40
N GLY D 139 9.97 -18.63 17.89
CA GLY D 139 10.84 -18.92 16.77
C GLY D 139 10.10 -18.79 15.45
N SER D 140 10.84 -18.46 14.41
CA SER D 140 10.23 -18.26 13.11
C SER D 140 9.57 -19.57 12.68
N GLY D 141 10.20 -20.67 13.02
CA GLY D 141 9.56 -21.95 12.84
C GLY D 141 9.32 -22.31 11.40
N THR D 142 8.15 -22.90 11.14
CA THR D 142 7.79 -23.51 9.83
C THR D 142 7.05 -22.58 8.85
N ILE D 143 6.96 -21.30 9.18
CA ILE D 143 6.10 -20.40 8.44
C ILE D 143 6.34 -20.40 6.93
N LEU D 144 7.60 -20.37 6.52
CA LEU D 144 7.92 -20.40 5.10
C LEU D 144 7.40 -21.68 4.46
N ASP D 145 7.51 -22.77 5.20
CA ASP D 145 7.16 -24.07 4.66
C ASP D 145 5.65 -24.19 4.61
N THR D 146 4.97 -23.72 5.65
CA THR D 146 3.51 -23.69 5.63
C THR D 146 2.98 -22.87 4.44
N ALA D 147 3.58 -21.70 4.24
CA ALA D 147 3.17 -20.83 3.13
C ALA D 147 3.41 -21.46 1.75
N ARG D 148 4.56 -22.10 1.57
N ARG D 148 4.56 -22.09 1.58
CA ARG D 148 4.83 -22.78 0.30
CA ARG D 148 4.86 -22.81 0.33
C ARG D 148 3.89 -23.95 0.07
C ARG D 148 3.87 -23.92 0.09
N PHE D 149 3.57 -24.69 1.14
CA PHE D 149 2.56 -25.76 1.08
C PHE D 149 1.26 -25.13 0.52
N ARG D 150 0.74 -24.15 1.27
CA ARG D 150 -0.48 -23.48 0.87
C ARG D 150 -0.37 -23.09 -0.60
N ALA D 151 0.78 -22.58 -1.02
CA ALA D 151 1.00 -22.11 -2.40
C ALA D 151 0.93 -23.20 -3.46
N LEU D 152 1.61 -24.31 -3.22
CA LEU D 152 1.58 -25.43 -4.14
C LEU D 152 0.18 -26.01 -4.25
N LEU D 153 -0.51 -26.13 -3.12
CA LEU D 153 -1.90 -26.57 -3.15
C LEU D 153 -2.78 -25.62 -3.94
N ALA D 154 -2.59 -24.33 -3.67
CA ALA D 154 -3.37 -23.29 -4.30
C ALA D 154 -3.21 -23.44 -5.78
N GLU D 155 -1.98 -23.70 -6.19
CA GLU D 155 -1.63 -23.75 -7.60
C GLU D 155 -2.18 -25.00 -8.27
N TYR D 156 -2.23 -26.09 -7.50
CA TYR D 156 -2.80 -27.33 -8.01
C TYR D 156 -4.28 -27.12 -8.28
N LEU D 157 -4.99 -26.55 -7.31
CA LEU D 157 -6.44 -26.42 -7.40
C LEU D 157 -6.93 -25.23 -8.20
N ARG D 158 -6.02 -24.41 -8.72
CA ARG D 158 -6.38 -23.15 -9.38
C ARG D 158 -7.27 -22.31 -8.49
N VAL D 159 -6.72 -21.92 -7.36
CA VAL D 159 -7.47 -21.18 -6.37
C VAL D 159 -6.52 -20.23 -5.67
N ALA D 160 -7.03 -19.13 -5.16
CA ALA D 160 -6.17 -18.19 -4.45
C ALA D 160 -5.61 -18.83 -3.17
N PRO D 161 -4.30 -18.69 -2.95
CA PRO D 161 -3.65 -19.24 -1.76
C PRO D 161 -4.35 -18.82 -0.46
N GLN D 162 -5.04 -17.69 -0.51
CA GLN D 162 -5.65 -17.14 0.68
C GLN D 162 -6.80 -18.04 1.11
N SER D 163 -7.34 -18.77 0.14
CA SER D 163 -8.49 -19.61 0.42
C SER D 163 -8.08 -21.02 0.81
N VAL D 164 -6.77 -21.25 0.86
CA VAL D 164 -6.21 -22.54 1.30
C VAL D 164 -5.71 -22.48 2.75
N HIS D 165 -6.26 -23.35 3.59
N HIS D 165 -6.22 -23.27 3.56
CA HIS D 165 -5.80 -23.51 4.94
CA HIS D 165 -5.75 -23.42 4.91
C HIS D 165 -5.14 -24.85 5.03
C HIS D 165 -5.09 -24.77 5.00
N ALA D 166 -3.85 -24.84 5.30
CA ALA D 166 -3.09 -26.06 5.47
C ALA D 166 -1.88 -25.74 6.34
N TYR D 167 -1.36 -26.75 7.04
CA TYR D 167 -0.29 -26.50 8.00
C TYR D 167 0.92 -27.39 7.80
N VAL D 168 2.06 -26.86 8.22
CA VAL D 168 3.27 -27.65 8.37
C VAL D 168 3.68 -27.48 9.83
N LEU D 169 3.83 -28.59 10.55
CA LEU D 169 4.09 -28.56 11.99
C LEU D 169 5.38 -29.30 12.40
N GLY D 170 5.83 -29.08 13.64
CA GLY D 170 7.03 -29.76 14.11
C GLY D 170 8.37 -29.10 13.90
N GLU D 171 9.41 -29.89 13.74
CA GLU D 171 10.75 -29.35 13.54
C GLU D 171 10.84 -28.69 12.18
N HIS D 172 11.39 -27.49 12.12
CA HIS D 172 11.62 -26.87 10.82
C HIS D 172 12.87 -27.54 10.26
N GLY D 173 12.68 -28.27 9.17
CA GLY D 173 13.67 -29.27 8.79
C GLY D 173 13.06 -30.51 8.14
N ASP D 174 13.84 -31.58 8.06
CA ASP D 174 13.44 -32.78 7.32
C ASP D 174 12.28 -33.53 7.92
N SER D 175 12.16 -33.47 9.24
CA SER D 175 11.09 -34.14 9.98
C SER D 175 9.69 -33.60 9.65
N GLU D 176 9.62 -32.28 9.43
CA GLU D 176 8.39 -31.54 9.48
C GLU D 176 7.20 -32.28 8.93
N VAL D 177 6.05 -32.05 9.52
CA VAL D 177 4.86 -32.78 9.14
C VAL D 177 3.94 -31.86 8.32
N LEU D 178 3.50 -32.37 7.18
CA LEU D 178 2.55 -31.66 6.36
C LEU D 178 1.22 -32.23 6.78
N VAL D 179 0.31 -31.43 7.27
CA VAL D 179 -0.95 -32.06 7.65
C VAL D 179 -1.91 -31.98 6.46
N TRP D 180 -2.04 -33.13 5.78
CA TRP D 180 -2.95 -33.25 4.65
C TRP D 180 -4.35 -33.54 5.14
N SER D 181 -4.40 -34.17 6.32
CA SER D 181 -5.64 -34.62 6.97
C SER D 181 -6.72 -33.54 7.02
N SER D 182 -6.48 -32.53 7.83
CA SER D 182 -7.50 -31.56 8.14
C SER D 182 -7.41 -30.35 7.22
N ALA D 183 -6.49 -30.41 6.27
CA ALA D 183 -6.33 -29.31 5.33
C ALA D 183 -7.65 -29.03 4.62
N GLN D 184 -7.97 -27.75 4.49
CA GLN D 184 -9.12 -27.35 3.69
C GLN D 184 -8.94 -26.14 2.80
N VAL D 185 -9.89 -26.02 1.87
CA VAL D 185 -9.97 -24.92 0.95
C VAL D 185 -11.36 -24.30 1.07
N GLY D 186 -11.42 -23.00 1.32
CA GLY D 186 -12.69 -22.35 1.42
C GLY D 186 -13.51 -22.96 2.53
N GLY D 187 -12.82 -23.50 3.54
CA GLY D 187 -13.48 -24.03 4.71
C GLY D 187 -14.10 -25.40 4.50
N VAL D 188 -13.81 -26.00 3.37
CA VAL D 188 -14.20 -27.38 3.16
C VAL D 188 -12.98 -28.27 2.89
N PRO D 189 -13.04 -29.51 3.37
CA PRO D 189 -11.95 -30.48 3.28
C PRO D 189 -11.30 -30.49 1.92
N LEU D 190 -9.98 -30.37 1.94
CA LEU D 190 -9.18 -30.33 0.73
C LEU D 190 -9.53 -31.43 -0.28
N LEU D 191 -9.38 -32.68 0.12
CA LEU D 191 -9.43 -33.79 -0.83
C LEU D 191 -10.83 -33.95 -1.44
N GLU D 192 -11.84 -33.76 -0.60
CA GLU D 192 -13.21 -33.65 -1.07
C GLU D 192 -13.31 -32.57 -2.14
N PHE D 193 -13.00 -31.34 -1.75
CA PHE D 193 -13.01 -30.25 -2.69
C PHE D 193 -12.06 -30.46 -3.87
N ALA D 194 -11.21 -31.48 -3.78
CA ALA D 194 -10.43 -31.91 -4.94
C ALA D 194 -11.32 -32.51 -6.04
N GLU D 195 -12.13 -33.53 -5.71
CA GLU D 195 -13.07 -34.10 -6.66
C GLU D 195 -14.11 -33.05 -7.10
N ALA D 196 -14.20 -31.99 -6.32
CA ALA D 196 -15.23 -30.95 -6.37
C ALA D 196 -14.85 -29.85 -7.35
N ARG D 197 -13.77 -30.16 -8.07
CA ARG D 197 -13.27 -29.44 -9.22
C ARG D 197 -12.94 -30.46 -10.31
N GLY D 198 -11.70 -30.44 -10.78
CA GLY D 198 -11.15 -31.38 -11.74
C GLY D 198 -9.98 -32.11 -11.11
N ARG D 199 -10.08 -32.29 -9.80
CA ARG D 199 -8.98 -32.46 -8.87
C ARG D 199 -8.16 -33.58 -8.30
N ALA D 200 -8.65 -34.81 -8.26
CA ALA D 200 -8.28 -35.71 -7.21
C ALA D 200 -6.78 -35.77 -7.17
N LEU D 201 -6.24 -35.64 -5.97
CA LEU D 201 -4.81 -35.57 -5.81
C LEU D 201 -4.30 -36.99 -5.73
N SER D 202 -3.43 -37.33 -6.66
CA SER D 202 -2.84 -38.65 -6.67
C SER D 202 -1.69 -38.67 -5.66
N PRO D 203 -1.33 -39.85 -5.17
CA PRO D 203 -0.22 -39.92 -4.23
C PRO D 203 1.05 -39.35 -4.88
N GLU D 204 1.16 -39.41 -6.20
CA GLU D 204 2.38 -38.89 -6.82
C GLU D 204 2.32 -37.37 -6.86
N ASP D 205 1.11 -36.84 -6.88
CA ASP D 205 0.90 -35.41 -6.71
C ASP D 205 1.27 -34.99 -5.29
N ARG D 206 0.73 -35.68 -4.29
CA ARG D 206 1.09 -35.36 -2.91
C ARG D 206 2.61 -35.43 -2.72
N ALA D 207 3.26 -36.39 -3.39
CA ALA D 207 4.70 -36.53 -3.27
C ALA D 207 5.44 -35.39 -3.97
N ARG D 208 4.92 -34.96 -5.12
CA ARG D 208 5.53 -33.86 -5.85
C ARG D 208 5.47 -32.56 -5.05
N ILE D 209 4.33 -32.33 -4.41
CA ILE D 209 4.16 -31.20 -3.52
C ILE D 209 5.04 -31.32 -2.28
N ASP D 210 5.13 -32.53 -1.73
CA ASP D 210 5.95 -32.77 -0.54
C ASP D 210 7.43 -32.50 -0.80
N GLU D 211 7.93 -32.93 -1.95
CA GLU D 211 9.27 -32.58 -2.38
C GLU D 211 9.38 -31.06 -2.43
N GLY D 212 8.37 -30.44 -3.02
CA GLY D 212 8.37 -29.01 -3.20
C GLY D 212 8.53 -28.26 -1.89
N VAL D 213 7.91 -28.79 -0.85
CA VAL D 213 7.93 -28.09 0.43
C VAL D 213 9.19 -28.40 1.20
N ARG D 214 9.36 -29.12 1.59
CA ARG D 214 10.42 -29.92 2.19
C ARG D 214 11.79 -29.89 1.48
N ARG D 215 12.10 -30.02 0.67
N ARG D 215 12.08 -30.01 0.66
CA ARG D 215 13.46 -29.87 0.18
CA ARG D 215 13.44 -29.88 0.16
C ARG D 215 13.83 -28.48 -0.38
C ARG D 215 13.82 -28.49 -0.40
N ALA D 216 12.92 -27.52 -0.28
CA ALA D 216 13.20 -26.17 -0.79
C ALA D 216 14.47 -25.55 -0.19
N ALA D 217 14.56 -25.57 1.12
CA ALA D 217 15.73 -25.01 1.77
C ALA D 217 17.02 -25.63 1.27
N TYR D 218 17.01 -26.95 1.10
CA TYR D 218 18.19 -27.67 0.61
C TYR D 218 18.60 -27.13 -0.77
N ARG D 219 17.65 -27.00 -1.68
CA ARG D 219 17.98 -26.51 -3.01
C ARG D 219 18.57 -25.11 -2.91
N ILE D 220 17.92 -24.26 -2.10
CA ILE D 220 18.40 -22.87 -2.01
C ILE D 220 19.85 -22.87 -1.53
N ILE D 221 20.14 -23.72 -0.56
CA ILE D 221 21.46 -23.71 0.02
C ILE D 221 22.50 -24.32 -0.92
N GLU D 222 22.07 -25.26 -1.75
CA GLU D 222 22.95 -25.85 -2.76
C GLU D 222 23.31 -24.84 -3.85
N GLY D 223 22.32 -24.11 -4.34
CA GLY D 223 22.61 -23.07 -5.32
C GLY D 223 23.34 -21.83 -4.83
N LYS D 224 22.80 -21.14 -3.83
CA LYS D 224 23.45 -19.96 -3.28
C LYS D 224 24.20 -20.10 -1.97
N GLY D 225 24.16 -21.27 -1.33
CA GLY D 225 24.86 -21.46 -0.07
C GLY D 225 24.22 -20.99 1.23
N ALA D 226 23.16 -20.19 1.15
CA ALA D 226 22.41 -19.83 2.35
C ALA D 226 21.01 -19.34 2.00
N THR D 227 20.09 -19.37 2.96
CA THR D 227 18.79 -18.74 2.77
C THR D 227 18.72 -17.48 3.61
N TYR D 228 18.28 -16.40 3.01
CA TYR D 228 17.95 -15.18 3.74
C TYR D 228 16.59 -14.56 3.38
N TYR D 229 16.39 -14.24 2.09
CA TYR D 229 15.21 -13.53 1.61
C TYR D 229 13.84 -14.01 2.13
N GLY D 230 13.61 -15.30 2.02
CA GLY D 230 12.31 -15.81 2.45
C GLY D 230 12.07 -15.50 3.90
N ILE D 231 12.99 -15.94 4.74
CA ILE D 231 12.84 -15.77 6.16
C ILE D 231 12.88 -14.29 6.53
N GLY D 232 13.65 -13.48 5.79
CA GLY D 232 13.63 -12.06 6.05
C GLY D 232 12.19 -11.57 5.98
N ALA D 233 11.49 -11.90 4.90
CA ALA D 233 10.12 -11.42 4.78
C ALA D 233 9.13 -12.08 5.77
N GLY D 234 9.39 -13.35 6.11
CA GLY D 234 8.58 -14.03 7.11
C GLY D 234 8.69 -13.34 8.46
N LEU D 235 9.93 -13.17 8.91
CA LEU D 235 10.23 -12.41 10.10
C LEU D 235 9.52 -11.06 10.04
N ALA D 236 9.60 -10.39 8.89
CA ALA D 236 8.95 -9.07 8.77
C ALA D 236 7.48 -9.20 9.10
N ARG D 237 6.84 -10.20 8.53
CA ARG D 237 5.41 -10.35 8.72
C ARG D 237 5.05 -10.67 10.19
N LEU D 238 5.90 -11.44 10.87
CA LEU D 238 5.67 -11.75 12.29
C LEU D 238 5.83 -10.52 13.17
N VAL D 239 6.85 -9.73 12.86
CA VAL D 239 7.11 -8.46 13.52
C VAL D 239 5.87 -7.57 13.33
N ARG D 240 5.31 -7.56 12.13
CA ARG D 240 4.10 -6.79 11.90
C ARG D 240 2.92 -7.30 12.75
N ALA D 241 2.78 -8.62 12.82
CA ALA D 241 1.79 -9.23 13.71
C ALA D 241 1.97 -8.69 15.13
N ILE D 242 3.18 -8.80 15.65
CA ILE D 242 3.46 -8.34 17.01
C ILE D 242 3.15 -6.84 17.23
N LEU D 243 3.67 -5.97 16.37
CA LEU D 243 3.45 -4.54 16.53
C LEU D 243 1.99 -4.06 16.38
N THR D 244 1.21 -4.70 15.51
CA THR D 244 -0.21 -4.32 15.27
C THR D 244 -1.16 -5.06 16.19
N ASP D 245 -0.61 -5.87 17.09
CA ASP D 245 -1.42 -6.73 17.95
C ASP D 245 -2.46 -7.45 17.12
N GLU D 246 -2.00 -8.07 16.03
CA GLU D 246 -2.86 -8.67 15.04
C GLU D 246 -3.67 -9.87 15.55
N LYS D 247 -3.15 -10.58 16.55
CA LYS D 247 -3.75 -11.85 16.99
C LYS D 247 -4.07 -12.80 15.82
N GLY D 248 -3.13 -12.93 14.89
CA GLY D 248 -3.36 -13.77 13.71
C GLY D 248 -2.71 -15.12 13.88
N VAL D 249 -3.03 -16.07 13.00
CA VAL D 249 -2.50 -17.40 13.22
C VAL D 249 -1.32 -17.74 12.34
N TYR D 250 -0.21 -18.09 12.99
CA TYR D 250 1.03 -18.48 12.29
C TYR D 250 1.58 -19.78 12.88
N THR D 251 2.24 -20.60 12.07
CA THR D 251 2.79 -21.80 12.67
C THR D 251 4.19 -21.41 13.09
N VAL D 252 4.38 -21.28 14.38
CA VAL D 252 5.69 -20.80 14.84
C VAL D 252 6.17 -21.68 15.96
N SER D 253 7.47 -21.55 16.22
CA SER D 253 8.12 -22.39 17.21
C SER D 253 8.05 -21.73 18.57
N ALA D 254 7.57 -22.48 19.54
CA ALA D 254 7.59 -21.96 20.89
C ALA D 254 7.65 -23.14 21.84
N PHE D 255 7.97 -22.83 23.09
CA PHE D 255 8.05 -23.84 24.13
C PHE D 255 6.65 -24.33 24.39
N THR D 256 6.44 -25.64 24.25
CA THR D 256 5.12 -26.18 24.49
C THR D 256 5.18 -27.24 25.59
N PRO D 257 4.24 -27.15 26.54
CA PRO D 257 4.28 -28.00 27.75
C PRO D 257 4.15 -29.45 27.37
N GLU D 258 3.18 -29.73 26.51
CA GLU D 258 3.10 -31.07 25.95
C GLU D 258 2.53 -31.09 24.54
N VAL D 259 3.20 -31.84 23.65
CA VAL D 259 2.70 -32.05 22.29
C VAL D 259 2.80 -33.52 21.90
N ALA D 260 1.68 -34.11 21.48
CA ALA D 260 1.67 -35.47 20.97
C ALA D 260 2.41 -36.44 21.89
N GLY D 261 2.23 -36.27 23.20
CA GLY D 261 2.83 -37.15 24.17
C GLY D 261 4.21 -36.74 24.67
N VAL D 262 4.92 -35.94 23.91
CA VAL D 262 6.23 -35.44 24.35
C VAL D 262 6.13 -34.20 25.25
N LEU D 263 6.98 -34.14 26.28
CA LEU D 263 6.92 -33.09 27.29
C LEU D 263 7.97 -31.98 27.15
N GLU D 264 7.57 -30.74 27.44
CA GLU D 264 8.49 -29.60 27.41
C GLU D 264 9.48 -29.54 26.24
N VAL D 265 8.93 -29.29 25.05
CA VAL D 265 9.71 -29.19 23.81
C VAL D 265 9.34 -27.92 23.04
N SER D 266 10.29 -27.34 22.32
CA SER D 266 9.92 -26.25 21.42
C SER D 266 9.78 -26.69 19.97
N LEU D 267 8.63 -26.36 19.39
CA LEU D 267 8.43 -26.68 17.98
C LEU D 267 7.30 -25.83 17.43
N SER D 268 6.99 -26.08 16.16
CA SER D 268 6.01 -25.26 15.47
C SER D 268 4.62 -25.85 15.58
N LEU D 269 3.72 -25.02 16.14
CA LEU D 269 2.27 -25.29 16.04
C LEU D 269 1.52 -24.03 15.63
N PRO D 270 0.26 -24.18 15.19
CA PRO D 270 -0.38 -22.92 14.84
C PRO D 270 -0.64 -22.16 16.13
N ARG D 271 -0.22 -20.92 16.17
CA ARG D 271 -0.32 -20.13 17.38
C ARG D 271 -0.80 -18.74 17.03
N ILE D 272 -1.46 -18.11 18.01
CA ILE D 272 -2.07 -16.80 17.86
C ILE D 272 -1.08 -15.71 18.27
N LEU D 273 -0.68 -14.89 17.32
CA LEU D 273 0.43 -13.97 17.53
C LEU D 273 -0.07 -12.56 17.61
N GLY D 274 0.45 -11.83 18.59
CA GLY D 274 -0.06 -10.52 18.95
C GLY D 274 0.98 -9.80 19.79
N ALA D 275 0.54 -8.73 20.44
CA ALA D 275 1.49 -7.80 21.05
C ALA D 275 2.37 -8.35 22.19
N GLY D 276 1.91 -9.42 22.86
CA GLY D 276 2.67 -9.95 23.97
C GLY D 276 3.37 -11.21 23.58
N GLY D 277 3.42 -11.45 22.27
CA GLY D 277 3.91 -12.70 21.75
C GLY D 277 2.73 -13.60 21.49
N VAL D 278 2.98 -14.91 21.52
CA VAL D 278 1.92 -15.88 21.30
C VAL D 278 1.00 -15.90 22.50
N ALA D 279 -0.29 -16.03 22.21
CA ALA D 279 -1.37 -15.82 23.18
C ALA D 279 -2.40 -16.94 23.09
N GLY D 280 -2.02 -18.09 22.52
CA GLY D 280 -2.97 -19.17 22.35
C GLY D 280 -2.57 -20.14 21.27
N THR D 281 -2.97 -21.40 21.44
CA THR D 281 -2.59 -22.44 20.50
C THR D 281 -3.80 -23.07 19.82
N VAL D 282 -3.68 -23.34 18.52
CA VAL D 282 -4.77 -23.93 17.75
C VAL D 282 -4.41 -25.35 17.36
N TYR D 283 -5.28 -26.30 17.71
CA TYR D 283 -4.99 -27.71 17.45
C TYR D 283 -5.82 -28.23 16.32
N PRO D 284 -5.19 -28.41 15.16
CA PRO D 284 -5.84 -28.97 13.98
C PRO D 284 -5.95 -30.47 14.18
N SER D 285 -6.90 -31.11 13.51
CA SER D 285 -7.03 -32.56 13.57
C SER D 285 -5.86 -33.24 12.89
N LEU D 286 -5.27 -34.22 13.55
CA LEU D 286 -4.19 -34.96 12.91
C LEU D 286 -4.63 -36.39 12.66
N SER D 287 -4.23 -36.93 11.53
CA SER D 287 -4.37 -38.36 11.30
C SER D 287 -3.35 -39.06 12.19
N PRO D 288 -3.59 -40.35 12.49
CA PRO D 288 -2.66 -41.16 13.28
C PRO D 288 -1.23 -41.14 12.73
N GLU D 289 -1.06 -41.22 11.42
CA GLU D 289 0.29 -41.18 10.84
C GLU D 289 0.94 -39.83 11.17
N GLU D 290 0.19 -38.75 10.93
CA GLU D 290 0.66 -37.37 11.13
C GLU D 290 1.02 -37.20 12.59
N ARG D 291 0.14 -37.67 13.45
CA ARG D 291 0.38 -37.58 14.89
C ARG D 291 1.64 -38.33 15.28
N ALA D 292 1.87 -39.49 14.66
CA ALA D 292 3.05 -40.30 14.96
C ALA D 292 4.29 -39.54 14.56
N ALA D 293 4.25 -38.99 13.34
CA ALA D 293 5.36 -38.25 12.78
C ALA D 293 5.71 -37.03 13.65
N LEU D 294 4.65 -36.36 14.10
CA LEU D 294 4.82 -35.22 15.00
C LEU D 294 5.52 -35.69 16.26
N ARG D 295 5.01 -36.77 16.85
N ARG D 295 5.03 -36.77 16.87
CA ARG D 295 5.57 -37.34 18.06
CA ARG D 295 5.65 -37.22 18.12
C ARG D 295 7.07 -37.60 17.89
C ARG D 295 7.12 -37.59 17.90
N ARG D 296 7.42 -38.17 16.73
CA ARG D 296 8.81 -38.47 16.39
C ARG D 296 9.64 -37.16 16.36
N SER D 297 9.19 -36.21 15.55
CA SER D 297 9.85 -34.90 15.40
C SER D 297 10.13 -34.28 16.79
N ALA D 298 9.09 -34.25 17.63
CA ALA D 298 9.20 -33.72 18.98
C ALA D 298 10.23 -34.48 19.79
N GLU D 299 10.17 -35.81 19.73
CA GLU D 299 11.13 -36.63 20.45
C GLU D 299 12.56 -36.20 20.13
N ILE D 300 12.84 -36.11 18.83
CA ILE D 300 14.19 -35.82 18.38
C ILE D 300 14.65 -34.39 18.73
N LEU D 301 13.76 -33.42 18.58
CA LEU D 301 14.03 -32.07 19.06
C LEU D 301 14.38 -32.10 20.57
N LYS D 302 13.60 -32.87 21.33
CA LYS D 302 13.76 -32.94 22.78
C LYS D 302 15.10 -33.55 23.19
N GLU D 303 15.53 -34.59 22.47
CA GLU D 303 16.83 -35.22 22.73
C GLU D 303 17.95 -34.27 22.33
N ALA D 304 17.75 -33.53 21.25
CA ALA D 304 18.73 -32.49 20.91
C ALA D 304 18.89 -31.56 22.10
N ALA D 305 17.76 -31.02 22.54
CA ALA D 305 17.75 -30.10 23.68
C ALA D 305 18.54 -30.69 24.83
N PHE D 306 18.20 -31.93 25.18
CA PHE D 306 18.84 -32.60 26.33
C PHE D 306 20.35 -32.72 26.15
N ALA D 307 20.76 -33.12 24.95
CA ALA D 307 22.16 -33.31 24.60
C ALA D 307 22.90 -32.03 24.86
N LEU D 308 22.22 -30.93 24.58
CA LEU D 308 22.84 -29.63 24.77
C LEU D 308 22.75 -29.13 26.23
N GLY D 309 21.98 -29.86 27.05
CA GLY D 309 21.75 -29.46 28.41
C GLY D 309 20.57 -28.52 28.59
N PHE D 310 19.61 -28.61 27.68
CA PHE D 310 18.36 -27.86 27.81
C PHE D 310 17.12 -28.79 27.73
PB ADP E . -28.26 3.73 -5.89
O1B ADP E . -27.11 4.13 -6.77
O2B ADP E . -28.64 2.28 -6.00
O3B ADP E . -28.19 4.22 -4.48
PA ADP E . -29.50 6.05 -6.89
O1A ADP E . -30.92 6.48 -7.09
O2A ADP E . -28.63 6.78 -5.91
O3A ADP E . -29.51 4.50 -6.52
O5' ADP E . -28.80 6.08 -8.33
C5' ADP E . -29.41 5.44 -9.43
C4' ADP E . -28.88 6.06 -10.72
O4' ADP E . -29.24 5.27 -11.84
C3' ADP E . -29.46 7.43 -10.97
O3' ADP E . -28.45 8.42 -10.77
C2' ADP E . -29.90 7.43 -12.41
O2' ADP E . -29.32 8.55 -13.10
C1' ADP E . -29.33 6.13 -12.96
N9 ADP E . -30.17 5.57 -14.03
C8 ADP E . -31.50 5.38 -14.01
N7 ADP E . -31.93 4.85 -15.18
C5 ADP E . -30.86 4.69 -15.97
C6 ADP E . -30.61 4.19 -17.33
N6 ADP E . -31.61 3.73 -18.11
N1 ADP E . -29.34 4.20 -17.77
C2 ADP E . -28.32 4.66 -17.02
N3 ADP E . -28.48 5.13 -15.77
C4 ADP E . -29.70 5.17 -15.21
PB ADP F . 23.03 -15.80 9.38
O1B ADP F . 22.23 -14.54 9.31
O2B ADP F . 23.62 -16.09 10.74
O3B ADP F . 22.41 -17.00 8.73
PA ADP F . 25.64 -14.83 9.17
O1A ADP F . 26.54 -15.93 9.66
O2A ADP F . 26.18 -13.79 8.22
O3A ADP F . 24.33 -15.48 8.50
O5' ADP F . 25.05 -14.09 10.47
C5' ADP F . 25.73 -14.16 11.71
C4' ADP F . 26.00 -12.75 12.23
O4' ADP F . 25.83 -12.70 13.64
C3' ADP F . 27.42 -12.30 11.95
O3' ADP F . 27.40 -11.23 10.99
C2' ADP F . 27.97 -11.81 13.25
O2' ADP F . 28.43 -10.46 13.11
C1' ADP F . 26.79 -11.83 14.21
N9 ADP F . 27.23 -12.33 15.54
C8 ADP F . 27.93 -13.44 15.77
N7 ADP F . 28.16 -13.60 17.10
C5 ADP F . 27.61 -12.57 17.73
C6 ADP F . 27.49 -12.12 19.14
N6 ADP F . 28.02 -12.84 20.14
N1 ADP F . 26.82 -10.98 19.37
C2 ADP F . 26.28 -10.26 18.38
N3 ADP F . 26.36 -10.59 17.09
C4 ADP F . 26.99 -11.73 16.70
#